data_8BST
#
_entry.id   8BST
#
_cell.length_a   69.412
_cell.length_b   101.597
_cell.length_c   83.407
_cell.angle_alpha   90.00
_cell.angle_beta   111.99
_cell.angle_gamma   90.00
#
_symmetry.space_group_name_H-M   'P 1 21 1'
#
loop_
_entity.id
_entity.type
_entity.pdbx_description
1 polymer 'Glutamate receptor ionotropic, kainate 3'
2 non-polymer 'ACETATE ION'
3 non-polymer 'ZINC ION'
4 non-polymer 'CHLORIDE ION'
5 non-polymer 'SULFATE ION'
6 non-polymer DI(HYDROXYETHYL)ETHER
7 non-polymer 3-(CARBOXYMETHYL)-4-ISOPROPENYLPROLINE
8 non-polymer GLYCEROL
9 water water
#
_entity_poly.entity_id   1
_entity_poly.type   'polypeptide(L)'
_entity_poly.pdbx_seq_one_letter_code
;GPGTNRSLIVTTLLEEPFVMFRKSDRTLYGNDRFEGYCIDLLKELAHILGFSYEIRLVEDGKYGAQDDKGQWNGMVKELI
DHKADLAVAPLTITAVREKAIDFSKPFMTLGVSILYRKGTPIDSADDLAKQTKIEYGAVKDGATMTFFKKSKISTFEKMW
AFMSSKPSALVKNNEEGIQRTLTADYALLMESTTIEYITQRNCNLTQIGGLIDSKGYGIGTPMGSPYRDKITIAILQLQE
EDKLHIMKEKWWRGSGCP
;
_entity_poly.pdbx_strand_id   A,B,C,D
#
loop_
_chem_comp.id
_chem_comp.type
_chem_comp.name
_chem_comp.formula
ACT non-polymer 'ACETATE ION' 'C2 H3 O2 -1'
CL non-polymer 'CHLORIDE ION' 'Cl -1'
GOL non-polymer GLYCEROL 'C3 H8 O3'
KAI non-polymer 3-(CARBOXYMETHYL)-4-ISOPROPENYLPROLINE 'C10 H15 N O4'
PEG non-polymer DI(HYDROXYETHYL)ETHER 'C4 H10 O3'
SO4 non-polymer 'SULFATE ION' 'O4 S -2'
ZN non-polymer 'ZINC ION' 'Zn 2'
#
# COMPACT_ATOMS: atom_id res chain seq x y z
N ARG A 6 -5.07 -19.32 -14.61
CA ARG A 6 -4.09 -20.31 -14.17
C ARG A 6 -2.70 -19.69 -14.03
N SER A 7 -1.68 -20.53 -13.93
CA SER A 7 -0.33 -20.03 -13.69
C SER A 7 0.22 -19.37 -14.95
N LEU A 8 0.69 -18.14 -14.80
CA LEU A 8 1.25 -17.37 -15.91
C LEU A 8 2.75 -17.58 -16.00
N ILE A 9 3.25 -17.80 -17.21
CA ILE A 9 4.68 -17.87 -17.42
C ILE A 9 5.23 -16.45 -17.51
N VAL A 10 6.22 -16.15 -16.69
CA VAL A 10 6.77 -14.80 -16.57
C VAL A 10 8.21 -14.83 -17.06
N THR A 11 8.47 -14.16 -18.18
CA THR A 11 9.82 -14.03 -18.70
C THR A 11 10.47 -12.77 -18.11
N THR A 12 11.77 -12.86 -17.87
CA THR A 12 12.52 -11.76 -17.28
C THR A 12 14.01 -12.04 -17.49
N LEU A 13 14.84 -11.15 -16.97
CA LEU A 13 16.29 -11.35 -16.99
C LEU A 13 16.89 -10.60 -15.81
N LEU A 14 18.15 -10.90 -15.53
CA LEU A 14 18.83 -10.35 -14.37
C LEU A 14 19.30 -8.92 -14.65
N GLU A 15 18.91 -7.99 -13.78
CA GLU A 15 19.36 -6.60 -13.88
C GLU A 15 19.18 -5.94 -12.54
N GLU A 16 20.26 -5.47 -11.95
CA GLU A 16 20.19 -4.83 -10.63
C GLU A 16 19.56 -3.44 -10.74
N PRO A 17 18.69 -3.07 -9.78
CA PRO A 17 18.20 -3.91 -8.68
C PRO A 17 16.83 -4.51 -8.96
N PHE A 18 16.49 -4.67 -10.23
CA PHE A 18 15.13 -5.10 -10.60
C PHE A 18 14.94 -6.60 -10.39
N VAL A 19 15.78 -7.41 -11.02
CA VAL A 19 15.71 -8.87 -10.89
C VAL A 19 17.12 -9.38 -10.64
N MET A 20 17.31 -10.03 -9.49
CA MET A 20 18.62 -10.52 -9.09
C MET A 20 18.48 -11.91 -8.47
N PHE A 21 19.59 -12.64 -8.43
CA PHE A 21 19.64 -13.91 -7.73
C PHE A 21 19.85 -13.66 -6.25
N ARG A 22 19.00 -14.26 -5.42
CA ARG A 22 19.14 -14.07 -3.99
C ARG A 22 20.35 -14.86 -3.47
N LYS A 23 21.14 -14.21 -2.61
CA LYS A 23 22.29 -14.87 -2.00
C LYS A 23 21.82 -15.67 -0.80
N SER A 24 22.26 -16.92 -0.72
CA SER A 24 21.82 -17.79 0.38
C SER A 24 22.84 -18.90 0.56
N ASP A 25 22.86 -19.44 1.78
CA ASP A 25 23.68 -20.62 2.07
C ASP A 25 23.04 -21.89 1.54
N ARG A 26 21.73 -21.89 1.34
CA ARG A 26 20.99 -23.01 0.80
C ARG A 26 20.78 -22.82 -0.70
N THR A 27 20.57 -23.95 -1.39
CA THR A 27 20.30 -23.94 -2.82
C THR A 27 18.84 -23.55 -3.05
N LEU A 28 18.63 -22.50 -3.85
CA LEU A 28 17.29 -21.97 -4.09
C LEU A 28 16.70 -22.61 -5.34
N TYR A 29 15.38 -22.81 -5.31
CA TYR A 29 14.65 -23.43 -6.41
C TYR A 29 13.44 -22.60 -6.78
N GLY A 30 13.11 -22.60 -8.07
CA GLY A 30 11.89 -21.95 -8.53
C GLY A 30 11.95 -20.44 -8.37
N ASN A 31 10.79 -19.86 -8.05
CA ASN A 31 10.70 -18.41 -7.88
C ASN A 31 11.51 -17.91 -6.69
N ASP A 32 11.80 -18.77 -5.71
CA ASP A 32 12.57 -18.36 -4.54
C ASP A 32 13.99 -17.93 -4.89
N ARG A 33 14.44 -18.17 -6.12
CA ARG A 33 15.79 -17.79 -6.52
C ARG A 33 15.95 -16.29 -6.69
N PHE A 34 14.85 -15.56 -6.87
CA PHE A 34 14.90 -14.18 -7.33
C PHE A 34 14.44 -13.21 -6.25
N GLU A 35 15.02 -12.00 -6.29
CA GLU A 35 14.60 -10.90 -5.44
C GLU A 35 14.83 -9.61 -6.22
N GLY A 36 14.22 -8.53 -5.75
CA GLY A 36 14.40 -7.25 -6.38
C GLY A 36 13.14 -6.41 -6.51
N TYR A 37 13.29 -5.23 -7.13
CA TYR A 37 12.15 -4.34 -7.32
C TYR A 37 11.05 -5.01 -8.14
N CYS A 38 11.43 -5.59 -9.28
CA CYS A 38 10.44 -6.22 -10.16
C CYS A 38 9.84 -7.47 -9.53
N ILE A 39 10.60 -8.16 -8.68
CA ILE A 39 10.06 -9.35 -8.02
C ILE A 39 9.02 -8.96 -6.97
N ASP A 40 9.28 -7.89 -6.22
CA ASP A 40 8.26 -7.36 -5.30
C ASP A 40 7.05 -6.85 -6.06
N LEU A 41 7.27 -6.15 -7.18
CA LEU A 41 6.15 -5.66 -7.98
C LEU A 41 5.31 -6.81 -8.51
N LEU A 42 5.96 -7.90 -8.92
CA LEU A 42 5.21 -9.06 -9.41
C LEU A 42 4.41 -9.71 -8.30
N LYS A 43 4.94 -9.71 -7.07
CA LYS A 43 4.20 -10.27 -5.94
C LYS A 43 2.97 -9.44 -5.61
N GLU A 44 3.11 -8.11 -5.67
CA GLU A 44 1.96 -7.25 -5.43
C GLU A 44 0.87 -7.46 -6.47
N LEU A 45 1.27 -7.57 -7.74
CA LEU A 45 0.30 -7.76 -8.82
C LEU A 45 -0.37 -9.13 -8.73
N ALA A 46 0.41 -10.17 -8.42
CA ALA A 46 -0.17 -11.50 -8.31
C ALA A 46 -1.20 -11.59 -7.18
N HIS A 47 -1.09 -10.71 -6.18
CA HIS A 47 -2.03 -10.70 -5.07
CA HIS A 47 -2.04 -10.70 -5.08
C HIS A 47 -3.26 -9.84 -5.37
N ILE A 48 -3.06 -8.67 -5.99
CA ILE A 48 -4.19 -7.81 -6.32
C ILE A 48 -5.06 -8.46 -7.39
N LEU A 49 -4.43 -9.09 -8.37
CA LEU A 49 -5.16 -9.71 -9.48
C LEU A 49 -5.51 -11.17 -9.22
N GLY A 50 -4.87 -11.80 -8.26
CA GLY A 50 -5.18 -13.17 -7.89
C GLY A 50 -4.78 -14.20 -8.93
N PHE A 51 -3.50 -14.22 -9.30
CA PHE A 51 -2.97 -15.22 -10.21
C PHE A 51 -1.64 -15.75 -9.67
N SER A 52 -1.33 -16.99 -10.03
CA SER A 52 -0.03 -17.59 -9.76
C SER A 52 0.86 -17.48 -10.99
N TYR A 53 2.15 -17.69 -10.78
CA TYR A 53 3.11 -17.47 -11.86
C TYR A 53 4.33 -18.34 -11.67
N GLU A 54 5.06 -18.56 -12.76
CA GLU A 54 6.35 -19.24 -12.76
C GLU A 54 7.34 -18.37 -13.51
N ILE A 55 8.43 -18.00 -12.84
CA ILE A 55 9.43 -17.12 -13.42
C ILE A 55 10.43 -17.94 -14.22
N ARG A 56 10.64 -17.55 -15.48
CA ARG A 56 11.61 -18.20 -16.36
C ARG A 56 12.50 -17.13 -16.98
N LEU A 57 13.81 -17.25 -16.75
CA LEU A 57 14.76 -16.33 -17.36
C LEU A 57 14.80 -16.51 -18.86
N VAL A 58 14.82 -15.40 -19.59
CA VAL A 58 14.91 -15.47 -21.04
C VAL A 58 16.27 -16.06 -21.43
N GLU A 59 16.26 -16.94 -22.43
CA GLU A 59 17.44 -17.74 -22.72
C GLU A 59 18.58 -16.89 -23.26
N ASP A 60 18.31 -16.06 -24.25
CA ASP A 60 19.38 -15.24 -24.84
C ASP A 60 19.79 -14.08 -23.96
N GLY A 61 19.10 -13.82 -22.86
CA GLY A 61 19.52 -12.75 -21.96
C GLY A 61 19.37 -11.36 -22.51
N LYS A 62 18.46 -11.17 -23.47
CA LYS A 62 18.28 -9.89 -24.14
C LYS A 62 16.90 -9.36 -23.86
N TYR A 63 16.75 -8.03 -23.94
CA TYR A 63 15.46 -7.41 -23.69
C TYR A 63 14.54 -7.52 -24.90
N GLY A 64 15.01 -7.10 -26.07
CA GLY A 64 14.21 -7.18 -27.27
C GLY A 64 14.60 -6.18 -28.34
N ALA A 65 15.16 -6.68 -29.43
CA ALA A 65 15.57 -5.84 -30.56
C ALA A 65 15.22 -6.57 -31.84
N GLN A 66 15.24 -5.83 -32.95
CA GLN A 66 14.87 -6.36 -34.26
C GLN A 66 16.11 -6.56 -35.11
N ASP A 67 16.15 -7.67 -35.85
CA ASP A 67 17.25 -7.99 -36.73
C ASP A 67 16.98 -7.42 -38.13
N ASP A 68 17.70 -7.92 -39.13
CA ASP A 68 17.53 -7.43 -40.49
C ASP A 68 16.23 -7.91 -41.11
N LYS A 69 15.77 -9.11 -40.75
CA LYS A 69 14.51 -9.65 -41.25
C LYS A 69 13.30 -9.12 -40.49
N GLY A 70 13.48 -8.16 -39.60
CA GLY A 70 12.39 -7.63 -38.79
C GLY A 70 11.97 -8.52 -37.64
N GLN A 71 12.69 -9.60 -37.39
CA GLN A 71 12.35 -10.51 -36.29
C GLN A 71 12.94 -10.01 -34.98
N TRP A 72 12.21 -10.21 -33.90
CA TRP A 72 12.61 -9.78 -32.57
C TRP A 72 13.40 -10.87 -31.85
N ASN A 73 14.07 -10.47 -30.78
CA ASN A 73 14.70 -11.43 -29.88
C ASN A 73 14.33 -11.11 -28.44
N GLY A 74 14.95 -11.80 -27.49
CA GLY A 74 14.78 -11.45 -26.08
C GLY A 74 13.37 -11.65 -25.59
N MET A 75 13.01 -10.88 -24.56
CA MET A 75 11.69 -11.00 -23.95
C MET A 75 10.58 -10.61 -24.92
N VAL A 76 10.84 -9.65 -25.81
CA VAL A 76 9.81 -9.23 -26.77
C VAL A 76 9.43 -10.38 -27.69
N LYS A 77 10.43 -11.18 -28.10
CA LYS A 77 10.13 -12.34 -28.95
C LYS A 77 9.32 -13.38 -28.18
N GLU A 78 9.55 -13.50 -26.87
CA GLU A 78 8.78 -14.44 -26.06
C GLU A 78 7.31 -14.05 -26.03
N LEU A 79 7.02 -12.76 -25.87
CA LEU A 79 5.63 -12.31 -25.84
C LEU A 79 4.98 -12.43 -27.21
N ILE A 80 5.74 -12.17 -28.28
CA ILE A 80 5.19 -12.26 -29.62
C ILE A 80 4.81 -13.69 -29.96
N ASP A 81 5.68 -14.65 -29.63
CA ASP A 81 5.43 -16.06 -29.91
C ASP A 81 4.48 -16.70 -28.91
N HIS A 82 3.92 -15.91 -27.98
CA HIS A 82 3.00 -16.40 -26.96
C HIS A 82 3.62 -17.53 -26.14
N LYS A 83 4.94 -17.46 -25.92
CA LYS A 83 5.63 -18.39 -25.05
C LYS A 83 5.73 -17.89 -23.61
N ALA A 84 5.38 -16.64 -23.36
CA ALA A 84 5.33 -16.09 -22.02
C ALA A 84 4.13 -15.15 -21.92
N ASP A 85 3.55 -15.08 -20.71
CA ASP A 85 2.37 -14.25 -20.50
C ASP A 85 2.72 -12.85 -20.04
N LEU A 86 3.79 -12.69 -19.27
CA LEU A 86 4.20 -11.39 -18.76
C LEU A 86 5.71 -11.25 -18.86
N ALA A 87 6.16 -10.00 -18.95
CA ALA A 87 7.58 -9.67 -18.95
C ALA A 87 7.80 -8.58 -17.90
N VAL A 88 8.36 -8.96 -16.75
CA VAL A 88 8.62 -8.02 -15.66
C VAL A 88 10.13 -7.77 -15.61
N ALA A 89 10.52 -6.56 -15.99
CA ALA A 89 11.91 -6.16 -16.14
C ALA A 89 11.96 -4.67 -16.42
N PRO A 90 13.13 -4.02 -16.34
CA PRO A 90 13.21 -2.63 -16.80
C PRO A 90 13.10 -2.53 -18.32
N LEU A 91 11.94 -2.88 -18.84
CA LEU A 91 11.69 -2.92 -20.28
C LEU A 91 11.18 -1.55 -20.72
N THR A 92 12.01 -0.82 -21.45
CA THR A 92 11.67 0.55 -21.85
C THR A 92 10.52 0.54 -22.85
N ILE A 93 9.54 1.42 -22.61
CA ILE A 93 8.41 1.59 -23.52
C ILE A 93 8.86 2.44 -24.71
N THR A 94 8.88 1.84 -25.89
CA THR A 94 9.20 2.55 -27.12
C THR A 94 8.09 2.33 -28.13
N ALA A 95 7.98 3.26 -29.08
CA ALA A 95 6.93 3.15 -30.10
C ALA A 95 7.08 1.87 -30.92
N VAL A 96 8.32 1.53 -31.27
CA VAL A 96 8.55 0.34 -32.09
C VAL A 96 8.20 -0.93 -31.31
N ARG A 97 8.48 -0.96 -30.01
CA ARG A 97 8.11 -2.11 -29.19
C ARG A 97 6.61 -2.16 -28.95
N GLU A 98 5.98 -0.99 -28.76
CA GLU A 98 4.54 -0.96 -28.55
C GLU A 98 3.77 -1.46 -29.77
N LYS A 99 4.36 -1.40 -30.96
CA LYS A 99 3.73 -1.97 -32.13
C LYS A 99 3.76 -3.50 -32.12
N ALA A 100 4.67 -4.10 -31.37
CA ALA A 100 4.83 -5.56 -31.35
C ALA A 100 4.15 -6.21 -30.14
N ILE A 101 4.21 -5.58 -28.97
CA ILE A 101 3.61 -6.12 -27.76
C ILE A 101 2.71 -5.05 -27.15
N ASP A 102 1.99 -5.44 -26.11
CA ASP A 102 1.11 -4.54 -25.37
C ASP A 102 1.79 -4.19 -24.05
N PHE A 103 2.21 -2.93 -23.92
CA PHE A 103 2.80 -2.45 -22.68
C PHE A 103 1.71 -1.98 -21.73
N SER A 104 1.83 -2.36 -20.47
CA SER A 104 1.05 -1.70 -19.44
C SER A 104 1.54 -0.26 -19.29
N LYS A 105 0.75 0.54 -18.58
CA LYS A 105 1.19 1.90 -18.29
C LYS A 105 2.42 1.86 -17.40
N PRO A 106 3.32 2.84 -17.52
CA PRO A 106 4.63 2.73 -16.86
C PRO A 106 4.51 2.69 -15.34
N PHE A 107 5.24 1.75 -14.73
CA PHE A 107 5.38 1.71 -13.29
C PHE A 107 6.56 2.53 -12.79
N MET A 108 7.42 2.99 -13.69
CA MET A 108 8.56 3.82 -13.34
C MET A 108 8.90 4.71 -14.54
N THR A 109 9.15 5.99 -14.28
CA THR A 109 9.48 6.95 -15.32
C THR A 109 10.97 7.28 -15.23
N LEU A 110 11.58 7.57 -16.38
CA LEU A 110 13.03 7.73 -16.44
C LEU A 110 13.39 8.55 -17.68
N GLY A 111 14.68 8.59 -17.97
CA GLY A 111 15.22 9.25 -19.15
C GLY A 111 16.68 8.90 -19.30
N VAL A 112 17.21 9.21 -20.48
CA VAL A 112 18.61 8.91 -20.76
C VAL A 112 19.48 10.03 -20.20
N SER A 113 20.55 9.65 -19.50
CA SER A 113 21.51 10.60 -18.98
C SER A 113 22.91 9.99 -19.11
N ILE A 114 23.90 10.64 -18.51
CA ILE A 114 25.30 10.29 -18.70
C ILE A 114 25.90 9.89 -17.36
N LEU A 115 26.68 8.81 -17.37
CA LEU A 115 27.41 8.32 -16.20
C LEU A 115 28.90 8.49 -16.43
N TYR A 116 29.57 9.20 -15.52
CA TYR A 116 31.00 9.42 -15.64
C TYR A 116 31.56 9.74 -14.26
N ARG A 117 32.88 9.64 -14.14
CA ARG A 117 33.53 9.88 -12.86
C ARG A 117 33.42 11.34 -12.45
N LYS A 118 33.47 11.58 -11.14
CA LYS A 118 33.46 12.94 -10.62
C LYS A 118 34.74 13.67 -11.02
N GLY A 119 34.67 15.01 -11.00
CA GLY A 119 35.78 15.82 -11.41
C GLY A 119 36.01 15.76 -12.91
N THR A 120 35.15 16.44 -13.68
CA THR A 120 35.21 16.37 -15.12
C THR A 120 34.58 17.63 -15.71
N PRO A 121 35.20 18.24 -16.74
CA PRO A 121 34.63 19.47 -17.30
C PRO A 121 33.36 19.26 -18.13
N ILE A 122 32.83 18.04 -18.14
CA ILE A 122 31.60 17.75 -18.88
C ILE A 122 30.40 18.05 -17.99
N ASP A 123 29.51 18.92 -18.47
CA ASP A 123 28.33 19.32 -17.72
C ASP A 123 27.02 19.03 -18.45
N SER A 124 27.05 18.83 -19.76
CA SER A 124 25.85 18.57 -20.55
C SER A 124 26.20 17.59 -21.65
N ALA A 125 25.19 17.23 -22.45
CA ALA A 125 25.44 16.35 -23.59
C ALA A 125 26.22 17.06 -24.68
N ASP A 126 26.02 18.37 -24.83
CA ASP A 126 26.76 19.11 -25.84
C ASP A 126 28.26 19.08 -25.57
N ASP A 127 28.67 18.98 -24.31
CA ASP A 127 30.10 18.93 -24.00
C ASP A 127 30.73 17.64 -24.52
N LEU A 128 30.01 16.52 -24.45
CA LEU A 128 30.55 15.28 -24.99
C LEU A 128 30.57 15.28 -26.51
N ALA A 129 29.57 15.92 -27.14
CA ALA A 129 29.51 15.92 -28.60
C ALA A 129 30.60 16.76 -29.22
N LYS A 130 30.96 17.88 -28.57
CA LYS A 130 31.92 18.82 -29.13
C LYS A 130 33.37 18.44 -28.84
N GLN A 131 33.65 17.21 -28.42
CA GLN A 131 35.01 16.77 -28.17
C GLN A 131 35.17 15.32 -28.60
N THR A 132 36.40 14.83 -28.51
CA THR A 132 36.72 13.46 -28.90
C THR A 132 37.58 12.73 -27.87
N LYS A 133 38.28 13.44 -26.98
CA LYS A 133 39.17 12.78 -26.02
C LYS A 133 38.41 11.80 -25.13
N ILE A 134 37.21 12.17 -24.69
CA ILE A 134 36.38 11.30 -23.87
C ILE A 134 35.46 10.50 -24.79
N GLU A 135 35.63 9.19 -24.82
CA GLU A 135 34.75 8.33 -25.58
C GLU A 135 33.43 8.15 -24.86
N TYR A 136 32.37 7.88 -25.63
CA TYR A 136 31.06 7.63 -25.05
C TYR A 136 30.31 6.65 -25.94
N GLY A 137 29.31 6.01 -25.34
CA GLY A 137 28.50 5.06 -26.08
C GLY A 137 27.36 4.56 -25.21
N ALA A 138 26.74 3.48 -25.67
CA ALA A 138 25.61 2.90 -24.96
C ALA A 138 25.60 1.40 -25.19
N VAL A 139 24.68 0.71 -24.52
CA VAL A 139 24.52 -0.73 -24.70
C VAL A 139 24.04 -1.00 -26.11
N LYS A 140 24.71 -1.92 -26.81
CA LYS A 140 24.34 -2.21 -28.19
C LYS A 140 22.95 -2.81 -28.26
N ASP A 141 22.17 -2.36 -29.23
CA ASP A 141 20.81 -2.83 -29.52
C ASP A 141 19.84 -2.58 -28.38
N GLY A 142 20.21 -1.74 -27.41
CA GLY A 142 19.32 -1.36 -26.35
C GLY A 142 18.40 -0.23 -26.77
N ALA A 143 17.52 0.15 -25.85
CA ALA A 143 16.60 1.24 -26.13
C ALA A 143 17.34 2.57 -26.28
N THR A 144 18.45 2.74 -25.56
CA THR A 144 19.21 3.97 -25.68
C THR A 144 19.94 4.06 -27.02
N MET A 145 20.57 2.97 -27.45
CA MET A 145 21.26 2.99 -28.74
C MET A 145 20.26 3.15 -29.88
N THR A 146 19.14 2.42 -29.83
CA THR A 146 18.12 2.55 -30.87
C THR A 146 17.53 3.96 -30.89
N PHE A 147 17.51 4.63 -29.74
CA PHE A 147 17.06 6.02 -29.69
C PHE A 147 17.99 6.92 -30.49
N PHE A 148 19.31 6.74 -30.32
CA PHE A 148 20.27 7.57 -31.04
C PHE A 148 20.34 7.20 -32.53
N LYS A 149 20.16 5.92 -32.86
CA LYS A 149 20.26 5.50 -34.25
C LYS A 149 19.16 6.12 -35.11
N LYS A 150 17.95 6.22 -34.55
CA LYS A 150 16.81 6.72 -35.29
C LYS A 150 16.52 8.19 -35.01
N SER A 151 17.33 8.84 -34.18
CA SER A 151 17.08 10.23 -33.82
C SER A 151 17.41 11.15 -34.99
N LYS A 152 16.68 12.26 -35.06
CA LYS A 152 16.92 13.28 -36.07
C LYS A 152 17.37 14.60 -35.48
N ILE A 153 17.46 14.70 -34.15
CA ILE A 153 18.04 15.89 -33.52
C ILE A 153 19.54 15.93 -33.79
N SER A 154 20.03 17.12 -34.15
CA SER A 154 21.40 17.26 -34.62
C SER A 154 22.42 16.81 -33.58
N THR A 155 22.20 17.19 -32.31
CA THR A 155 23.17 16.86 -31.27
C THR A 155 23.31 15.35 -31.09
N PHE A 156 22.20 14.61 -31.15
CA PHE A 156 22.26 13.17 -30.92
C PHE A 156 22.85 12.43 -32.11
N GLU A 157 22.64 12.93 -33.34
CA GLU A 157 23.22 12.28 -34.51
C GLU A 157 24.73 12.42 -34.52
N LYS A 158 25.24 13.57 -34.05
CA LYS A 158 26.68 13.71 -33.87
C LYS A 158 27.19 12.59 -32.95
N MET A 159 26.45 12.30 -31.88
CA MET A 159 26.82 11.22 -30.99
C MET A 159 26.69 9.87 -31.68
N TRP A 160 25.63 9.68 -32.47
CA TRP A 160 25.44 8.42 -33.18
C TRP A 160 26.56 8.18 -34.20
N ALA A 161 26.98 9.24 -34.89
CA ALA A 161 28.12 9.12 -35.80
C ALA A 161 29.37 8.70 -35.03
N PHE A 162 29.54 9.25 -33.83
CA PHE A 162 30.67 8.86 -32.99
C PHE A 162 30.57 7.39 -32.57
N MET A 163 29.38 6.97 -32.13
CA MET A 163 29.21 5.58 -31.71
C MET A 163 29.32 4.62 -32.89
N SER A 164 28.77 5.01 -34.06
CA SER A 164 28.81 4.14 -35.22
C SER A 164 30.20 4.06 -35.85
N SER A 165 31.05 5.06 -35.62
CA SER A 165 32.40 5.02 -36.16
C SER A 165 33.30 4.11 -35.35
N LYS A 166 33.20 4.16 -34.02
CA LYS A 166 33.98 3.30 -33.14
C LYS A 166 33.09 2.19 -32.61
N PRO A 167 33.17 0.97 -33.15
CA PRO A 167 32.32 -0.11 -32.65
C PRO A 167 32.62 -0.49 -31.20
N SER A 168 33.82 -0.19 -30.70
CA SER A 168 34.13 -0.42 -29.30
C SER A 168 33.26 0.41 -28.36
N ALA A 169 32.80 1.58 -28.81
CA ALA A 169 32.01 2.46 -27.96
C ALA A 169 30.76 1.78 -27.42
N LEU A 170 30.18 0.85 -28.18
CA LEU A 170 28.99 0.14 -27.74
C LEU A 170 29.38 -1.03 -26.83
N VAL A 171 28.91 -1.01 -25.60
CA VAL A 171 29.24 -2.06 -24.64
C VAL A 171 28.19 -3.16 -24.73
N LYS A 172 28.54 -4.34 -24.19
CA LYS A 172 27.64 -5.48 -24.26
C LYS A 172 26.51 -5.38 -23.25
N ASN A 173 26.79 -4.88 -22.05
CA ASN A 173 25.79 -4.81 -20.99
C ASN A 173 26.17 -3.69 -20.03
N ASN A 174 25.32 -3.49 -19.02
CA ASN A 174 25.58 -2.46 -18.02
C ASN A 174 26.85 -2.73 -17.24
N GLU A 175 27.17 -4.01 -17.02
CA GLU A 175 28.35 -4.36 -16.24
C GLU A 175 29.63 -3.92 -16.95
N GLU A 176 29.71 -4.14 -18.26
CA GLU A 176 30.87 -3.68 -19.02
C GLU A 176 30.90 -2.17 -19.12
N GLY A 177 29.73 -1.53 -19.23
CA GLY A 177 29.70 -0.08 -19.31
C GLY A 177 30.10 0.59 -18.01
N ILE A 178 29.70 0.02 -16.87
CA ILE A 178 30.08 0.58 -15.59
C ILE A 178 31.58 0.41 -15.34
N GLN A 179 32.12 -0.77 -15.67
CA GLN A 179 33.54 -1.02 -15.45
C GLN A 179 34.41 -0.15 -16.36
N ARG A 180 33.95 0.11 -17.60
CA ARG A 180 34.71 0.98 -18.49
C ARG A 180 34.65 2.42 -18.03
N THR A 181 33.53 2.84 -17.43
CA THR A 181 33.46 4.17 -16.84
C THR A 181 34.41 4.30 -15.65
N LEU A 182 34.69 3.20 -14.96
CA LEU A 182 35.56 3.23 -13.80
C LEU A 182 37.04 3.16 -14.19
N THR A 183 37.37 2.45 -15.27
CA THR A 183 38.78 2.21 -15.61
C THR A 183 39.31 3.12 -16.71
N ALA A 184 38.46 3.71 -17.54
CA ALA A 184 38.92 4.47 -18.69
C ALA A 184 38.15 5.78 -18.79
N ASP A 185 38.69 6.68 -19.61
CA ASP A 185 38.05 7.97 -19.88
C ASP A 185 36.87 7.73 -20.82
N TYR A 186 35.79 7.22 -20.23
CA TYR A 186 34.61 6.81 -20.98
C TYR A 186 33.38 7.21 -20.19
N ALA A 187 32.40 7.80 -20.87
CA ALA A 187 31.14 8.21 -20.27
C ALA A 187 30.01 7.40 -20.90
N LEU A 188 29.24 6.71 -20.06
CA LEU A 188 28.21 5.81 -20.55
C LEU A 188 26.87 6.54 -20.62
N LEU A 189 26.21 6.45 -21.77
CA LEU A 189 24.84 6.95 -21.91
C LEU A 189 23.90 5.89 -21.35
N MET A 190 23.37 6.13 -20.17
CA MET A 190 22.63 5.13 -19.43
C MET A 190 21.33 5.74 -18.91
N GLU A 191 20.33 4.90 -18.70
CA GLU A 191 19.04 5.36 -18.23
C GLU A 191 19.14 5.86 -16.79
N SER A 192 18.36 6.91 -16.49
CA SER A 192 18.55 7.67 -15.26
C SER A 192 18.32 6.83 -14.01
N THR A 193 17.39 5.88 -14.04
CA THR A 193 17.11 5.08 -12.85
C THR A 193 18.31 4.23 -12.45
N THR A 194 19.02 3.67 -13.44
CA THR A 194 20.23 2.91 -13.13
C THR A 194 21.33 3.80 -12.60
N ILE A 195 21.39 5.06 -13.04
CA ILE A 195 22.40 5.98 -12.53
C ILE A 195 22.23 6.20 -11.03
N GLU A 196 20.98 6.44 -10.59
CA GLU A 196 20.72 6.61 -9.17
C GLU A 196 21.18 5.41 -8.37
N TYR A 197 20.98 4.21 -8.90
CA TYR A 197 21.41 2.99 -8.20
C TYR A 197 22.92 2.94 -8.08
N ILE A 198 23.64 3.21 -9.17
CA ILE A 198 25.10 3.09 -9.18
C ILE A 198 25.73 4.16 -8.31
N THR A 199 25.27 5.41 -8.41
CA THR A 199 25.95 6.51 -7.74
C THR A 199 25.90 6.41 -6.22
N GLN A 200 24.81 5.87 -5.67
CA GLN A 200 24.76 5.72 -4.21
C GLN A 200 25.64 4.57 -3.72
N ARG A 201 26.21 3.79 -4.63
CA ARG A 201 27.03 2.65 -4.28
C ARG A 201 28.48 2.78 -4.73
N ASN A 202 28.74 3.45 -5.85
CA ASN A 202 30.08 3.77 -6.32
C ASN A 202 30.27 5.27 -6.14
N CYS A 203 30.97 5.66 -5.06
CA CYS A 203 31.03 7.06 -4.66
C CYS A 203 31.97 7.90 -5.52
N ASN A 204 32.55 7.33 -6.58
CA ASN A 204 33.36 8.10 -7.52
C ASN A 204 32.61 8.45 -8.80
N LEU A 205 31.52 7.75 -9.11
CA LEU A 205 30.73 8.01 -10.29
C LEU A 205 29.61 8.99 -9.97
N THR A 206 29.26 9.80 -10.97
CA THR A 206 28.23 10.82 -10.82
C THR A 206 27.41 10.90 -12.11
N GLN A 207 26.27 11.56 -12.01
CA GLN A 207 25.45 11.84 -13.19
C GLN A 207 25.85 13.17 -13.81
N ILE A 208 25.92 13.19 -15.12
CA ILE A 208 26.30 14.39 -15.88
C ILE A 208 25.05 14.92 -16.56
N GLY A 209 24.69 16.16 -16.25
CA GLY A 209 23.53 16.79 -16.84
C GLY A 209 22.23 16.14 -16.37
N GLY A 210 21.13 16.63 -16.92
CA GLY A 210 19.81 16.12 -16.61
C GLY A 210 19.41 14.97 -17.51
N LEU A 211 18.11 14.86 -17.74
CA LEU A 211 17.54 13.82 -18.60
C LEU A 211 17.32 14.39 -20.00
N ILE A 212 17.82 13.69 -21.02
CA ILE A 212 17.72 14.22 -22.38
C ILE A 212 16.35 13.88 -22.99
N ASP A 213 15.73 12.77 -22.60
CA ASP A 213 14.42 12.40 -23.12
C ASP A 213 13.55 11.92 -21.96
N SER A 214 12.36 11.44 -22.28
CA SER A 214 11.40 10.98 -21.28
C SER A 214 10.82 9.64 -21.71
N LYS A 215 11.09 8.60 -20.92
CA LYS A 215 10.60 7.25 -21.18
C LYS A 215 10.09 6.65 -19.88
N GLY A 216 9.52 5.47 -19.97
CA GLY A 216 9.05 4.75 -18.80
C GLY A 216 9.21 3.26 -18.96
N TYR A 217 9.33 2.57 -17.82
CA TYR A 217 9.38 1.11 -17.80
C TYR A 217 7.96 0.55 -17.69
N GLY A 218 7.62 -0.39 -18.58
CA GLY A 218 6.32 -1.02 -18.58
C GLY A 218 6.45 -2.54 -18.48
N ILE A 219 5.32 -3.18 -18.22
CA ILE A 219 5.24 -4.64 -18.14
C ILE A 219 4.67 -5.16 -19.45
N GLY A 220 5.44 -5.97 -20.15
CA GLY A 220 5.03 -6.44 -21.45
C GLY A 220 4.06 -7.61 -21.37
N THR A 221 3.12 -7.64 -22.30
CA THR A 221 2.15 -8.71 -22.47
C THR A 221 2.05 -9.00 -23.95
N PRO A 222 1.59 -10.20 -24.33
CA PRO A 222 1.33 -10.46 -25.74
C PRO A 222 0.24 -9.52 -26.25
N MET A 223 0.29 -9.24 -27.55
CA MET A 223 -0.68 -8.33 -28.15
C MET A 223 -2.08 -8.92 -28.03
N GLY A 224 -2.97 -8.17 -27.37
CA GLY A 224 -4.32 -8.65 -27.12
C GLY A 224 -4.49 -9.40 -25.81
N SER A 225 -3.52 -9.35 -24.92
CA SER A 225 -3.61 -10.09 -23.66
C SER A 225 -4.70 -9.50 -22.77
N PRO A 226 -5.49 -10.35 -22.12
CA PRO A 226 -6.53 -9.84 -21.20
C PRO A 226 -5.97 -9.25 -19.91
N TYR A 227 -4.70 -9.49 -19.58
CA TYR A 227 -4.11 -9.02 -18.34
C TYR A 227 -3.52 -7.63 -18.44
N ARG A 228 -3.34 -7.09 -19.65
CA ARG A 228 -2.65 -5.81 -19.81
C ARG A 228 -3.38 -4.69 -19.08
N ASP A 229 -4.68 -4.55 -19.34
CA ASP A 229 -5.43 -3.46 -18.73
C ASP A 229 -5.64 -3.67 -17.24
N LYS A 230 -5.80 -4.92 -16.79
CA LYS A 230 -5.91 -5.17 -15.36
C LYS A 230 -4.63 -4.82 -14.63
N ILE A 231 -3.47 -5.13 -15.23
CA ILE A 231 -2.20 -4.77 -14.62
C ILE A 231 -2.02 -3.25 -14.62
N THR A 232 -2.43 -2.59 -15.71
CA THR A 232 -2.36 -1.14 -15.76
C THR A 232 -3.15 -0.50 -14.62
N ILE A 233 -4.37 -0.98 -14.40
CA ILE A 233 -5.20 -0.44 -13.31
C ILE A 233 -4.54 -0.71 -11.96
N ALA A 234 -3.96 -1.89 -11.79
CA ALA A 234 -3.27 -2.21 -10.54
C ALA A 234 -2.04 -1.33 -10.35
N ILE A 235 -1.27 -1.10 -11.41
CA ILE A 235 -0.11 -0.23 -11.31
C ILE A 235 -0.53 1.19 -10.94
N LEU A 236 -1.63 1.67 -11.53
CA LEU A 236 -2.14 2.99 -11.19
C LEU A 236 -2.59 3.05 -9.72
N GLN A 237 -3.20 1.98 -9.23
CA GLN A 237 -3.59 1.94 -7.82
C GLN A 237 -2.37 1.97 -6.91
N LEU A 238 -1.31 1.26 -7.29
CA LEU A 238 -0.07 1.29 -6.52
C LEU A 238 0.52 2.70 -6.50
N GLN A 239 0.41 3.43 -7.62
CA GLN A 239 0.97 4.77 -7.70
C GLN A 239 0.23 5.74 -6.79
N GLU A 240 -1.11 5.69 -6.81
CA GLU A 240 -1.90 6.67 -6.07
C GLU A 240 -1.79 6.50 -4.57
N GLU A 241 -1.36 5.32 -4.10
CA GLU A 241 -1.20 5.05 -2.68
C GLU A 241 0.27 5.04 -2.26
N ASP A 242 1.16 5.55 -3.11
CA ASP A 242 2.58 5.71 -2.83
C ASP A 242 3.29 4.38 -2.59
N LYS A 243 2.77 3.28 -3.13
CA LYS A 243 3.42 1.99 -2.92
C LYS A 243 4.68 1.86 -3.78
N LEU A 244 4.66 2.43 -4.99
CA LEU A 244 5.84 2.35 -5.86
C LEU A 244 6.96 3.26 -5.36
N HIS A 245 6.62 4.35 -4.67
CA HIS A 245 7.65 5.22 -4.10
CA HIS A 245 7.66 5.21 -4.11
C HIS A 245 8.43 4.48 -3.01
N ILE A 246 7.71 3.83 -2.10
CA ILE A 246 8.37 3.06 -1.04
C ILE A 246 9.13 1.89 -1.64
N MET A 247 8.55 1.24 -2.65
CA MET A 247 9.19 0.08 -3.27
C MET A 247 10.52 0.47 -3.92
N LYS A 248 10.58 1.64 -4.55
CA LYS A 248 11.83 2.09 -5.15
C LYS A 248 12.85 2.46 -4.08
N GLU A 249 12.42 3.21 -3.05
CA GLU A 249 13.32 3.62 -1.99
C GLU A 249 13.94 2.43 -1.28
N LYS A 250 13.22 1.31 -1.19
CA LYS A 250 13.73 0.13 -0.50
C LYS A 250 14.88 -0.53 -1.28
N TRP A 251 14.88 -0.40 -2.61
CA TRP A 251 15.87 -1.06 -3.45
C TRP A 251 16.92 -0.12 -4.03
N TRP A 252 16.79 1.20 -3.83
CA TRP A 252 17.74 2.16 -4.38
C TRP A 252 18.67 2.79 -3.36
N ARG A 253 18.38 2.69 -2.07
CA ARG A 253 19.25 3.29 -1.06
C ARG A 253 20.48 2.41 -0.83
N GLY A 254 21.66 3.01 -0.95
CA GLY A 254 22.91 2.34 -0.71
C GLY A 254 23.61 2.80 0.55
N SER A 255 24.89 2.44 0.65
CA SER A 255 25.67 2.74 1.85
C SER A 255 26.12 4.19 1.91
N GLY A 256 25.51 5.04 1.08
CA GLY A 256 25.76 6.46 1.13
C GLY A 256 27.13 6.89 0.69
N CYS A 257 27.30 8.19 0.45
CA CYS A 257 28.59 8.74 0.04
C CYS A 257 28.85 10.08 0.73
N ARG B 6 -15.60 7.22 -41.29
CA ARG B 6 -16.41 8.32 -40.79
C ARG B 6 -15.62 9.18 -39.80
N SER B 7 -16.16 10.36 -39.50
CA SER B 7 -15.48 11.32 -38.63
C SER B 7 -15.69 10.96 -37.17
N LEU B 8 -14.60 11.02 -36.40
CA LEU B 8 -14.62 10.67 -34.98
C LEU B 8 -15.06 11.90 -34.18
N ILE B 9 -15.97 11.68 -33.24
CA ILE B 9 -16.42 12.77 -32.36
C ILE B 9 -15.41 12.93 -31.23
N VAL B 10 -14.93 14.15 -31.05
CA VAL B 10 -13.91 14.47 -30.06
C VAL B 10 -14.55 15.39 -29.03
N THR B 11 -14.71 14.90 -27.80
CA THR B 11 -15.22 15.71 -26.72
C THR B 11 -14.07 16.39 -25.99
N THR B 12 -14.33 17.60 -25.49
CA THR B 12 -13.31 18.39 -24.82
C THR B 12 -13.99 19.50 -24.04
N LEU B 13 -13.19 20.36 -23.41
CA LEU B 13 -13.69 21.52 -22.71
C LEU B 13 -12.60 22.59 -22.69
N LEU B 14 -13.00 23.81 -22.34
CA LEU B 14 -12.09 24.95 -22.36
C LEU B 14 -11.21 24.96 -21.12
N GLU B 15 -9.89 24.99 -21.34
CA GLU B 15 -8.92 25.09 -20.24
C GLU B 15 -7.62 25.59 -20.80
N GLU B 16 -7.17 26.75 -20.34
CA GLU B 16 -5.94 27.33 -20.85
C GLU B 16 -4.73 26.58 -20.30
N PRO B 17 -3.69 26.36 -21.11
CA PRO B 17 -3.64 26.71 -22.54
C PRO B 17 -3.96 25.53 -23.44
N PHE B 18 -4.74 24.57 -22.92
CA PHE B 18 -5.00 23.33 -23.66
C PHE B 18 -6.03 23.55 -24.76
N VAL B 19 -7.21 24.05 -24.39
CA VAL B 19 -8.29 24.31 -25.34
C VAL B 19 -8.82 25.70 -25.09
N MET B 20 -8.74 26.56 -26.11
CA MET B 20 -9.15 27.95 -25.98
C MET B 20 -9.92 28.36 -27.23
N PHE B 21 -10.68 29.44 -27.11
CA PHE B 21 -11.37 29.99 -28.26
C PHE B 21 -10.40 30.87 -29.05
N ARG B 22 -10.27 30.56 -30.33
CA ARG B 22 -9.41 31.32 -31.23
C ARG B 22 -10.06 32.66 -31.57
N LYS B 23 -9.29 33.73 -31.47
CA LYS B 23 -9.75 35.08 -31.79
C LYS B 23 -9.59 35.34 -33.29
N SER B 24 -10.64 35.89 -33.90
CA SER B 24 -10.62 36.14 -35.34
C SER B 24 -11.64 37.22 -35.67
N ASP B 25 -11.42 37.88 -36.81
CA ASP B 25 -12.37 38.86 -37.31
C ASP B 25 -13.57 38.22 -38.00
N ARG B 26 -13.44 36.97 -38.45
CA ARG B 26 -14.55 36.25 -39.04
C ARG B 26 -15.21 35.39 -37.97
N THR B 27 -16.49 35.08 -38.19
CA THR B 27 -17.18 34.17 -37.29
C THR B 27 -16.75 32.75 -37.65
N LEU B 28 -16.23 32.04 -36.66
CA LEU B 28 -15.64 30.73 -36.91
C LEU B 28 -16.67 29.62 -36.69
N TYR B 29 -16.55 28.57 -37.49
CA TYR B 29 -17.46 27.44 -37.45
C TYR B 29 -16.65 26.15 -37.36
N GLY B 30 -17.22 25.18 -36.65
CA GLY B 30 -16.59 23.87 -36.56
C GLY B 30 -15.31 23.89 -35.76
N ASN B 31 -14.36 23.05 -36.18
CA ASN B 31 -13.09 22.91 -35.46
C ASN B 31 -12.24 24.17 -35.49
N ASP B 32 -12.47 25.06 -36.45
CA ASP B 32 -11.67 26.29 -36.55
C ASP B 32 -11.85 27.23 -35.37
N ARG B 33 -12.85 26.99 -34.51
CA ARG B 33 -13.06 27.87 -33.36
C ARG B 33 -12.01 27.68 -32.26
N PHE B 34 -11.32 26.56 -32.23
CA PHE B 34 -10.51 26.19 -31.08
C PHE B 34 -9.02 26.19 -31.42
N GLU B 35 -8.21 26.51 -30.42
CA GLU B 35 -6.76 26.44 -30.51
C GLU B 35 -6.20 26.07 -29.14
N GLY B 36 -4.94 25.66 -29.13
CA GLY B 36 -4.29 25.32 -27.88
C GLY B 36 -3.40 24.09 -27.97
N TYR B 37 -2.80 23.71 -26.83
CA TYR B 37 -1.92 22.55 -26.80
C TYR B 37 -2.66 21.28 -27.26
N CYS B 38 -3.83 21.02 -26.68
CA CYS B 38 -4.57 19.82 -27.03
C CYS B 38 -5.08 19.86 -28.46
N ILE B 39 -5.33 21.06 -28.99
CA ILE B 39 -5.76 21.17 -30.38
C ILE B 39 -4.59 20.86 -31.31
N ASP B 40 -3.39 21.33 -30.97
CA ASP B 40 -2.20 20.95 -31.74
C ASP B 40 -1.95 19.45 -31.65
N LEU B 41 -2.10 18.88 -30.45
CA LEU B 41 -1.94 17.44 -30.31
C LEU B 41 -3.00 16.69 -31.12
N LEU B 42 -4.23 17.22 -31.15
CA LEU B 42 -5.30 16.59 -31.91
C LEU B 42 -5.02 16.65 -33.41
N LYS B 43 -4.43 17.75 -33.88
CA LYS B 43 -4.10 17.85 -35.30
C LYS B 43 -2.99 16.89 -35.69
N GLU B 44 -1.96 16.75 -34.85
CA GLU B 44 -0.88 15.81 -35.14
C GLU B 44 -1.38 14.38 -35.20
N LEU B 45 -2.28 14.00 -34.29
CA LEU B 45 -2.79 12.64 -34.28
C LEU B 45 -3.62 12.36 -35.54
N ALA B 46 -4.46 13.32 -35.95
CA ALA B 46 -5.21 13.15 -37.17
C ALA B 46 -4.30 13.06 -38.39
N HIS B 47 -3.15 13.74 -38.34
CA HIS B 47 -2.20 13.68 -39.43
CA HIS B 47 -2.20 13.67 -39.44
C HIS B 47 -1.48 12.33 -39.47
N ILE B 48 -1.11 11.81 -38.31
CA ILE B 48 -0.37 10.54 -38.26
C ILE B 48 -1.29 9.35 -38.46
N LEU B 49 -2.48 9.39 -37.84
CA LEU B 49 -3.41 8.26 -37.92
C LEU B 49 -4.36 8.35 -39.11
N GLY B 50 -4.50 9.52 -39.71
CA GLY B 50 -5.34 9.67 -40.88
C GLY B 50 -6.82 9.56 -40.61
N PHE B 51 -7.34 10.38 -39.70
CA PHE B 51 -8.77 10.42 -39.43
C PHE B 51 -9.24 11.87 -39.39
N SER B 52 -10.51 12.06 -39.70
CA SER B 52 -11.18 13.35 -39.54
C SER B 52 -11.92 13.36 -38.21
N TYR B 53 -12.28 14.56 -37.76
CA TYR B 53 -12.88 14.68 -36.44
C TYR B 53 -13.77 15.91 -36.38
N GLU B 54 -14.67 15.89 -35.40
CA GLU B 54 -15.53 17.03 -35.07
C GLU B 54 -15.39 17.30 -33.58
N ILE B 55 -14.98 18.51 -33.23
CA ILE B 55 -14.77 18.90 -31.84
C ILE B 55 -16.10 19.35 -31.25
N ARG B 56 -16.48 18.77 -30.12
CA ARG B 56 -17.70 19.13 -29.42
C ARG B 56 -17.35 19.39 -27.95
N LEU B 57 -17.63 20.60 -27.48
CA LEU B 57 -17.42 20.90 -26.07
C LEU B 57 -18.41 20.10 -25.23
N VAL B 58 -17.91 19.54 -24.12
CA VAL B 58 -18.78 18.76 -23.25
C VAL B 58 -19.83 19.67 -22.63
N GLU B 59 -21.08 19.20 -22.60
CA GLU B 59 -22.19 20.06 -22.24
C GLU B 59 -22.15 20.44 -20.76
N ASP B 60 -21.98 19.45 -19.88
CA ASP B 60 -21.99 19.74 -18.44
C ASP B 60 -20.70 20.42 -17.97
N GLY B 61 -19.70 20.52 -18.83
CA GLY B 61 -18.47 21.22 -18.48
C GLY B 61 -17.62 20.54 -17.43
N LYS B 62 -17.75 19.22 -17.27
CA LYS B 62 -17.02 18.48 -16.26
C LYS B 62 -16.10 17.46 -16.93
N TYR B 63 -15.03 17.10 -16.22
CA TYR B 63 -14.08 16.13 -16.76
C TYR B 63 -14.60 14.70 -16.60
N GLY B 64 -14.99 14.32 -15.39
CA GLY B 64 -15.49 12.98 -15.16
C GLY B 64 -15.31 12.50 -13.74
N ALA B 65 -16.41 12.34 -13.01
CA ALA B 65 -16.36 11.84 -11.64
C ALA B 65 -17.52 10.89 -11.41
N GLN B 66 -17.41 10.11 -10.34
CA GLN B 66 -18.40 9.10 -9.98
C GLN B 66 -19.16 9.54 -8.74
N ASP B 67 -20.46 9.28 -8.73
CA ASP B 67 -21.29 9.59 -7.58
C ASP B 67 -21.31 8.37 -6.65
N ASP B 68 -22.27 8.29 -5.73
CA ASP B 68 -22.32 7.17 -4.81
C ASP B 68 -22.76 5.89 -5.50
N LYS B 69 -23.58 6.00 -6.56
CA LYS B 69 -24.03 4.82 -7.29
C LYS B 69 -23.06 4.39 -8.38
N GLY B 70 -21.89 5.01 -8.48
CA GLY B 70 -20.95 4.67 -9.51
C GLY B 70 -21.25 5.25 -10.87
N GLN B 71 -22.21 6.17 -10.97
CA GLN B 71 -22.54 6.76 -12.26
C GLN B 71 -21.57 7.88 -12.59
N TRP B 72 -21.17 7.96 -13.86
CA TRP B 72 -20.21 8.95 -14.31
C TRP B 72 -20.91 10.18 -14.90
N ASN B 73 -20.14 11.27 -15.01
CA ASN B 73 -20.56 12.46 -15.74
C ASN B 73 -19.44 12.94 -16.65
N GLY B 74 -19.62 14.12 -17.26
CA GLY B 74 -18.56 14.75 -17.99
C GLY B 74 -18.09 13.97 -19.21
N MET B 75 -16.83 14.21 -19.57
CA MET B 75 -16.25 13.54 -20.75
C MET B 75 -16.16 12.04 -20.56
N VAL B 76 -15.94 11.57 -19.33
CA VAL B 76 -15.85 10.13 -19.09
C VAL B 76 -17.19 9.46 -19.41
N LYS B 77 -18.30 10.11 -19.05
CA LYS B 77 -19.61 9.57 -19.39
C LYS B 77 -19.85 9.56 -20.89
N GLU B 78 -19.32 10.54 -21.61
CA GLU B 78 -19.48 10.57 -23.05
C GLU B 78 -18.81 9.38 -23.71
N LEU B 79 -17.62 9.01 -23.24
CA LEU B 79 -16.92 7.86 -23.80
C LEU B 79 -17.62 6.56 -23.42
N ILE B 80 -18.17 6.48 -22.19
CA ILE B 80 -18.84 5.27 -21.74
C ILE B 80 -20.09 5.02 -22.56
N ASP B 81 -20.89 6.06 -22.81
CA ASP B 81 -22.13 5.93 -23.57
C ASP B 81 -21.92 5.90 -25.08
N HIS B 82 -20.66 5.85 -25.52
CA HIS B 82 -20.32 5.86 -26.95
CA HIS B 82 -20.33 5.85 -26.96
C HIS B 82 -20.95 7.06 -27.66
N LYS B 83 -20.99 8.19 -26.96
CA LYS B 83 -21.45 9.45 -27.55
C LYS B 83 -20.29 10.27 -28.10
N ALA B 84 -19.06 9.90 -27.78
CA ALA B 84 -17.87 10.53 -28.33
C ALA B 84 -16.81 9.45 -28.54
N ASP B 85 -15.97 9.66 -29.55
CA ASP B 85 -14.94 8.68 -29.89
C ASP B 85 -13.63 8.95 -29.17
N LEU B 86 -13.31 10.21 -28.91
CA LEU B 86 -12.07 10.59 -28.26
C LEU B 86 -12.35 11.69 -27.25
N ALA B 87 -11.49 11.77 -26.23
CA ALA B 87 -11.54 12.83 -25.23
C ALA B 87 -10.16 13.47 -25.18
N VAL B 88 -10.03 14.65 -25.78
CA VAL B 88 -8.76 15.36 -25.84
C VAL B 88 -8.87 16.55 -24.89
N ALA B 89 -8.17 16.47 -23.76
CA ALA B 89 -8.23 17.45 -22.70
C ALA B 89 -7.19 17.11 -21.64
N PRO B 90 -6.88 18.01 -20.70
CA PRO B 90 -6.02 17.61 -19.58
C PRO B 90 -6.72 16.66 -18.63
N LEU B 91 -7.05 15.46 -19.13
CA LEU B 91 -7.77 14.46 -18.35
C LEU B 91 -6.75 13.59 -17.63
N THR B 92 -6.69 13.72 -16.30
CA THR B 92 -5.70 13.00 -15.51
C THR B 92 -5.99 11.52 -15.52
N ILE B 93 -4.95 10.71 -15.73
CA ILE B 93 -5.09 9.26 -15.70
C ILE B 93 -5.17 8.81 -14.25
N THR B 94 -6.33 8.28 -13.86
CA THR B 94 -6.52 7.71 -12.54
C THR B 94 -7.02 6.29 -12.68
N ALA B 95 -6.78 5.48 -11.65
CA ALA B 95 -7.20 4.08 -11.67
C ALA B 95 -8.73 3.96 -11.80
N VAL B 96 -9.47 4.81 -11.08
CA VAL B 96 -10.93 4.73 -11.11
C VAL B 96 -11.44 5.11 -12.50
N ARG B 97 -10.82 6.10 -13.14
CA ARG B 97 -11.21 6.45 -14.50
C ARG B 97 -10.76 5.38 -15.49
N GLU B 98 -9.58 4.81 -15.27
CA GLU B 98 -9.08 3.75 -16.15
C GLU B 98 -9.95 2.50 -16.10
N LYS B 99 -10.69 2.29 -15.01
CA LYS B 99 -11.62 1.18 -14.97
C LYS B 99 -12.83 1.40 -15.87
N ALA B 100 -13.14 2.64 -16.21
CA ALA B 100 -14.32 2.98 -17.00
C ALA B 100 -14.01 3.21 -18.47
N ILE B 101 -12.88 3.85 -18.79
CA ILE B 101 -12.50 4.14 -20.16
C ILE B 101 -11.11 3.60 -20.42
N ASP B 102 -10.68 3.69 -21.67
CA ASP B 102 -9.36 3.26 -22.10
C ASP B 102 -8.50 4.50 -22.34
N PHE B 103 -7.52 4.72 -21.46
CA PHE B 103 -6.58 5.82 -21.61
C PHE B 103 -5.42 5.44 -22.50
N SER B 104 -5.05 6.34 -23.40
CA SER B 104 -3.76 6.24 -24.06
C SER B 104 -2.65 6.48 -23.05
N LYS B 105 -1.43 6.14 -23.44
CA LYS B 105 -0.30 6.44 -22.57
C LYS B 105 -0.11 7.95 -22.46
N PRO B 106 0.38 8.43 -21.31
CA PRO B 106 0.37 9.87 -21.07
C PRO B 106 1.26 10.63 -22.04
N PHE B 107 0.73 11.72 -22.57
CA PHE B 107 1.50 12.66 -23.39
C PHE B 107 2.17 13.74 -22.57
N MET B 108 1.82 13.86 -21.29
CA MET B 108 2.40 14.87 -20.40
C MET B 108 2.38 14.32 -18.99
N THR B 109 3.50 14.49 -18.28
CA THR B 109 3.62 14.04 -16.89
C THR B 109 3.60 15.25 -15.98
N LEU B 110 3.05 15.07 -14.78
CA LEU B 110 2.80 16.18 -13.88
C LEU B 110 2.69 15.64 -12.45
N GLY B 111 2.26 16.49 -11.54
CA GLY B 111 2.05 16.11 -10.16
C GLY B 111 1.33 17.22 -9.43
N VAL B 112 0.83 16.89 -8.24
CA VAL B 112 0.11 17.86 -7.43
C VAL B 112 1.10 18.73 -6.68
N SER B 113 0.89 20.04 -6.72
CA SER B 113 1.69 20.99 -5.96
C SER B 113 0.77 22.07 -5.43
N ILE B 114 1.34 23.14 -4.90
CA ILE B 114 0.59 24.17 -4.19
C ILE B 114 0.76 25.50 -4.94
N LEU B 115 -0.35 26.21 -5.11
CA LEU B 115 -0.35 27.54 -5.70
C LEU B 115 -0.74 28.54 -4.61
N TYR B 116 0.12 29.52 -4.38
CA TYR B 116 -0.11 30.48 -3.30
C TYR B 116 0.71 31.73 -3.58
N ARG B 117 0.41 32.78 -2.82
CA ARG B 117 1.13 34.04 -2.97
C ARG B 117 2.58 33.89 -2.51
N LYS B 118 3.44 34.80 -2.99
CA LYS B 118 4.88 34.63 -2.83
C LYS B 118 5.33 34.90 -1.40
N GLY B 119 4.92 36.04 -0.84
CA GLY B 119 5.42 36.45 0.46
C GLY B 119 4.83 35.67 1.63
N THR B 120 5.35 34.46 1.86
CA THR B 120 4.87 33.59 2.92
C THR B 120 5.99 32.64 3.32
N PRO B 121 6.18 32.37 4.61
CA PRO B 121 7.23 31.43 5.03
C PRO B 121 6.87 29.97 4.86
N ILE B 122 5.95 29.67 3.93
CA ILE B 122 5.53 28.31 3.66
C ILE B 122 6.46 27.69 2.63
N ASP B 123 6.94 26.47 2.90
CA ASP B 123 7.86 25.79 2.02
C ASP B 123 7.40 24.39 1.60
N SER B 124 6.51 23.75 2.34
CA SER B 124 6.13 22.37 2.07
C SER B 124 4.67 22.17 2.43
N ALA B 125 4.19 20.94 2.23
CA ALA B 125 2.82 20.59 2.62
C ALA B 125 2.68 20.53 4.13
N ASP B 126 3.76 20.19 4.84
CA ASP B 126 3.70 20.15 6.30
C ASP B 126 3.37 21.52 6.89
N ASP B 127 3.81 22.59 6.24
CA ASP B 127 3.53 23.93 6.74
C ASP B 127 2.05 24.27 6.64
N LEU B 128 1.38 23.80 5.59
CA LEU B 128 -0.05 24.05 5.47
C LEU B 128 -0.84 23.23 6.49
N ALA B 129 -0.37 22.03 6.81
CA ALA B 129 -1.08 21.18 7.76
C ALA B 129 -0.97 21.71 9.18
N LYS B 130 0.15 22.35 9.52
CA LYS B 130 0.41 22.78 10.90
C LYS B 130 -0.28 24.09 11.26
N GLN B 131 -1.22 24.56 10.46
CA GLN B 131 -1.92 25.80 10.77
C GLN B 131 -3.34 25.72 10.22
N THR B 132 -4.16 26.70 10.60
CA THR B 132 -5.57 26.72 10.23
C THR B 132 -6.07 28.07 9.74
N LYS B 133 -5.29 29.14 9.86
CA LYS B 133 -5.77 30.45 9.42
C LYS B 133 -5.71 30.60 7.92
N ILE B 134 -4.75 29.94 7.26
CA ILE B 134 -4.64 29.95 5.81
C ILE B 134 -5.51 28.83 5.26
N GLU B 135 -6.65 29.21 4.67
CA GLU B 135 -7.54 28.24 4.06
C GLU B 135 -6.91 27.63 2.81
N TYR B 136 -7.22 26.37 2.55
CA TYR B 136 -6.71 25.70 1.37
C TYR B 136 -7.71 24.66 0.90
N GLY B 137 -7.62 24.31 -0.38
CA GLY B 137 -8.51 23.34 -0.96
C GLY B 137 -8.11 23.01 -2.38
N ALA B 138 -9.03 22.38 -3.10
CA ALA B 138 -8.80 21.98 -4.48
C ALA B 138 -10.11 22.04 -5.25
N VAL B 139 -10.05 21.78 -6.54
CA VAL B 139 -11.24 21.74 -7.37
C VAL B 139 -12.11 20.57 -6.94
N LYS B 140 -13.39 20.85 -6.72
CA LYS B 140 -14.31 19.82 -6.25
C LYS B 140 -14.48 18.72 -7.29
N ASP B 141 -14.47 17.47 -6.82
CA ASP B 141 -14.65 16.27 -7.63
C ASP B 141 -13.54 16.06 -8.65
N GLY B 142 -12.43 16.78 -8.54
CA GLY B 142 -11.31 16.59 -9.43
C GLY B 142 -10.39 15.45 -9.00
N ALA B 143 -9.39 15.21 -9.84
CA ALA B 143 -8.41 14.16 -9.54
C ALA B 143 -7.54 14.51 -8.34
N THR B 144 -7.27 15.80 -8.13
CA THR B 144 -6.46 16.20 -6.99
C THR B 144 -7.21 15.99 -5.68
N MET B 145 -8.49 16.33 -5.65
CA MET B 145 -9.29 16.13 -4.44
C MET B 145 -9.37 14.64 -4.09
N THR B 146 -9.58 13.79 -5.09
CA THR B 146 -9.64 12.36 -4.86
C THR B 146 -8.32 11.82 -4.31
N PHE B 147 -7.21 12.45 -4.66
CA PHE B 147 -5.92 12.01 -4.14
C PHE B 147 -5.82 12.23 -2.63
N PHE B 148 -6.25 13.40 -2.15
CA PHE B 148 -6.18 13.67 -0.72
C PHE B 148 -7.21 12.87 0.06
N LYS B 149 -8.38 12.62 -0.53
CA LYS B 149 -9.43 11.88 0.16
C LYS B 149 -8.99 10.46 0.47
N LYS B 150 -8.24 9.84 -0.43
CA LYS B 150 -7.83 8.45 -0.29
C LYS B 150 -6.41 8.28 0.25
N SER B 151 -5.72 9.38 0.58
CA SER B 151 -4.34 9.28 1.03
C SER B 151 -4.26 8.73 2.44
N LYS B 152 -3.17 8.02 2.72
CA LYS B 152 -2.93 7.48 4.04
C LYS B 152 -1.70 8.08 4.70
N ILE B 153 -0.97 8.95 3.99
CA ILE B 153 0.13 9.68 4.57
C ILE B 153 -0.40 10.70 5.58
N SER B 154 0.29 10.81 6.72
CA SER B 154 -0.22 11.61 7.83
C SER B 154 -0.45 13.07 7.41
N THR B 155 0.49 13.65 6.69
CA THR B 155 0.34 15.05 6.28
C THR B 155 -0.85 15.24 5.34
N PHE B 156 -1.04 14.32 4.40
CA PHE B 156 -2.11 14.48 3.42
C PHE B 156 -3.48 14.17 4.02
N GLU B 157 -3.54 13.26 5.00
CA GLU B 157 -4.80 13.01 5.70
C GLU B 157 -5.25 14.25 6.46
N LYS B 158 -4.31 14.95 7.11
CA LYS B 158 -4.64 16.13 7.89
C LYS B 158 -5.27 17.21 7.02
N MET B 159 -4.71 17.43 5.82
CA MET B 159 -5.26 18.44 4.92
C MET B 159 -6.65 18.05 4.42
N TRP B 160 -6.88 16.76 4.15
CA TRP B 160 -8.20 16.34 3.69
C TRP B 160 -9.25 16.57 4.77
N ALA B 161 -8.90 16.35 6.04
CA ALA B 161 -9.81 16.65 7.13
C ALA B 161 -10.17 18.12 7.13
N PHE B 162 -9.20 18.99 6.87
CA PHE B 162 -9.47 20.42 6.79
C PHE B 162 -10.41 20.73 5.62
N MET B 163 -10.16 20.13 4.46
CA MET B 163 -11.00 20.38 3.30
C MET B 163 -12.41 19.86 3.52
N SER B 164 -12.55 18.71 4.18
CA SER B 164 -13.86 18.17 4.50
C SER B 164 -14.57 18.97 5.58
N SER B 165 -13.83 19.75 6.36
CA SER B 165 -14.46 20.56 7.41
C SER B 165 -15.22 21.73 6.81
N LYS B 166 -14.54 22.53 5.97
CA LYS B 166 -15.16 23.67 5.31
C LYS B 166 -15.44 23.31 3.86
N PRO B 167 -16.67 22.94 3.49
CA PRO B 167 -16.94 22.62 2.07
C PRO B 167 -16.72 23.79 1.12
N SER B 168 -16.74 25.02 1.63
CA SER B 168 -16.44 26.18 0.79
C SER B 168 -15.01 26.14 0.25
N ALA B 169 -14.09 25.51 0.98
CA ALA B 169 -12.69 25.47 0.56
C ALA B 169 -12.52 24.85 -0.81
N LEU B 170 -13.40 23.91 -1.19
CA LEU B 170 -13.33 23.29 -2.49
C LEU B 170 -14.01 24.18 -3.52
N VAL B 171 -13.25 24.61 -4.52
CA VAL B 171 -13.77 25.51 -5.55
C VAL B 171 -14.36 24.69 -6.69
N LYS B 172 -15.17 25.35 -7.52
CA LYS B 172 -15.85 24.67 -8.61
C LYS B 172 -14.93 24.36 -9.78
N ASN B 173 -13.96 25.22 -10.06
CA ASN B 173 -13.06 25.02 -11.19
C ASN B 173 -11.74 25.73 -10.91
N ASN B 174 -10.79 25.58 -11.84
CA ASN B 174 -9.48 26.19 -11.67
C ASN B 174 -9.57 27.71 -11.63
N GLU B 175 -10.55 28.30 -12.32
CA GLU B 175 -10.66 29.75 -12.36
C GLU B 175 -11.04 30.31 -10.98
N GLU B 176 -12.10 29.75 -10.38
CA GLU B 176 -12.52 30.20 -9.06
C GLU B 176 -11.42 29.99 -8.03
N GLY B 177 -10.66 28.90 -8.17
CA GLY B 177 -9.56 28.65 -7.24
C GLY B 177 -8.43 29.65 -7.40
N ILE B 178 -8.13 30.02 -8.65
CA ILE B 178 -7.11 31.03 -8.88
C ILE B 178 -7.60 32.39 -8.39
N GLN B 179 -8.86 32.71 -8.66
CA GLN B 179 -9.40 34.00 -8.24
C GLN B 179 -9.48 34.10 -6.73
N ARG B 180 -9.80 33.00 -6.04
CA ARG B 180 -9.81 33.01 -4.59
C ARG B 180 -8.41 33.15 -4.02
N THR B 181 -7.42 32.53 -4.68
CA THR B 181 -6.03 32.69 -4.26
C THR B 181 -5.58 34.14 -4.41
N LEU B 182 -6.16 34.86 -5.38
CA LEU B 182 -5.79 36.26 -5.60
C LEU B 182 -6.53 37.20 -4.65
N THR B 183 -7.76 36.86 -4.25
CA THR B 183 -8.59 37.76 -3.47
C THR B 183 -8.57 37.47 -1.97
N ALA B 184 -8.14 36.28 -1.56
CA ALA B 184 -8.22 35.87 -0.17
C ALA B 184 -6.92 35.20 0.26
N ASP B 185 -6.86 34.86 1.55
CA ASP B 185 -5.72 34.13 2.13
C ASP B 185 -5.94 32.64 1.91
N TYR B 186 -5.79 32.22 0.66
CA TYR B 186 -6.16 30.88 0.21
C TYR B 186 -5.06 30.31 -0.67
N ALA B 187 -4.73 29.05 -0.42
CA ALA B 187 -3.74 28.32 -1.20
C ALA B 187 -4.42 27.15 -1.90
N LEU B 188 -4.31 27.10 -3.22
CA LEU B 188 -5.00 26.11 -4.04
C LEU B 188 -4.07 24.93 -4.33
N LEU B 189 -4.56 23.72 -4.09
CA LEU B 189 -3.86 22.51 -4.49
C LEU B 189 -4.14 22.26 -5.97
N MET B 190 -3.14 22.49 -6.81
CA MET B 190 -3.32 22.52 -8.25
C MET B 190 -2.24 21.67 -8.92
N GLU B 191 -2.57 21.15 -10.09
CA GLU B 191 -1.62 20.32 -10.84
C GLU B 191 -0.49 21.18 -11.39
N SER B 192 0.71 20.60 -11.41
CA SER B 192 1.93 21.39 -11.63
C SER B 192 1.95 22.08 -12.98
N THR B 193 1.39 21.44 -14.02
CA THR B 193 1.43 22.03 -15.35
C THR B 193 0.65 23.34 -15.40
N THR B 194 -0.51 23.40 -14.75
CA THR B 194 -1.27 24.64 -14.70
C THR B 194 -0.57 25.70 -13.85
N ILE B 195 0.17 25.27 -12.83
CA ILE B 195 0.90 26.22 -11.99
C ILE B 195 1.97 26.93 -12.81
N GLU B 196 2.73 26.18 -13.61
CA GLU B 196 3.74 26.79 -14.47
C GLU B 196 3.13 27.85 -15.36
N TYR B 197 1.94 27.60 -15.90
CA TYR B 197 1.28 28.56 -16.77
C TYR B 197 0.90 29.82 -15.99
N ILE B 198 0.30 29.66 -14.81
CA ILE B 198 -0.20 30.79 -14.05
C ILE B 198 0.94 31.66 -13.52
N THR B 199 2.00 31.02 -13.00
CA THR B 199 3.06 31.78 -12.34
C THR B 199 3.81 32.68 -13.31
N GLN B 200 3.93 32.30 -14.57
CA GLN B 200 4.60 33.15 -15.54
C GLN B 200 3.74 34.34 -15.97
N ARG B 201 2.49 34.42 -15.53
CA ARG B 201 1.60 35.50 -15.95
C ARG B 201 1.12 36.38 -14.80
N ASN B 202 0.91 35.81 -13.62
CA ASN B 202 0.60 36.56 -12.41
C ASN B 202 1.82 36.46 -11.51
N CYS B 203 2.61 37.54 -11.46
CA CYS B 203 3.88 37.55 -10.75
C CYS B 203 3.73 37.58 -9.24
N ASN B 204 2.51 37.44 -8.71
CA ASN B 204 2.31 37.36 -7.27
C ASN B 204 2.11 35.93 -6.79
N LEU B 205 1.73 35.02 -7.67
CA LEU B 205 1.56 33.61 -7.32
C LEU B 205 2.83 32.84 -7.64
N THR B 206 3.10 31.82 -6.82
CA THR B 206 4.29 31.00 -6.97
C THR B 206 3.95 29.55 -6.63
N GLN B 207 4.84 28.65 -7.01
CA GLN B 207 4.71 27.24 -6.62
C GLN B 207 5.46 27.01 -5.31
N ILE B 208 4.82 26.29 -4.40
CA ILE B 208 5.39 25.98 -3.09
C ILE B 208 5.72 24.49 -3.05
N GLY B 209 6.99 24.19 -2.77
CA GLY B 209 7.43 22.82 -2.70
C GLY B 209 7.45 22.14 -4.06
N GLY B 210 7.79 20.86 -4.03
CA GLY B 210 7.87 20.04 -5.23
C GLY B 210 6.55 19.43 -5.62
N LEU B 211 6.64 18.25 -6.23
CA LEU B 211 5.46 17.50 -6.68
C LEU B 211 5.07 16.49 -5.61
N ILE B 212 3.79 16.47 -5.26
CA ILE B 212 3.34 15.59 -4.18
C ILE B 212 3.14 14.16 -4.70
N ASP B 213 2.71 14.01 -5.95
CA ASP B 213 2.54 12.70 -6.56
C ASP B 213 3.04 12.78 -8.00
N SER B 214 2.86 11.69 -8.74
CA SER B 214 3.28 11.63 -10.14
C SER B 214 2.16 11.01 -10.94
N LYS B 215 1.54 11.80 -11.82
CA LYS B 215 0.47 11.33 -12.69
C LYS B 215 0.70 11.94 -14.08
N GLY B 216 -0.16 11.56 -15.03
CA GLY B 216 -0.04 12.08 -16.38
C GLY B 216 -1.40 12.30 -17.01
N TYR B 217 -1.41 13.19 -18.01
CA TYR B 217 -2.59 13.45 -18.81
C TYR B 217 -2.63 12.46 -19.97
N GLY B 218 -3.79 11.80 -20.15
CA GLY B 218 -3.99 10.86 -21.21
C GLY B 218 -5.19 11.24 -22.07
N ILE B 219 -5.30 10.57 -23.21
CA ILE B 219 -6.40 10.78 -24.15
C ILE B 219 -7.39 9.63 -23.96
N GLY B 220 -8.61 9.98 -23.57
CA GLY B 220 -9.61 8.98 -23.28
C GLY B 220 -10.28 8.44 -24.54
N THR B 221 -10.60 7.16 -24.50
CA THR B 221 -11.33 6.48 -25.56
C THR B 221 -12.37 5.58 -24.89
N PRO B 222 -13.43 5.23 -25.60
CA PRO B 222 -14.36 4.23 -25.05
C PRO B 222 -13.67 2.90 -24.83
N MET B 223 -14.20 2.13 -23.89
CA MET B 223 -13.60 0.84 -23.56
C MET B 223 -13.67 -0.09 -24.77
N GLY B 224 -12.50 -0.56 -25.20
CA GLY B 224 -12.41 -1.40 -26.38
C GLY B 224 -12.21 -0.67 -27.69
N SER B 225 -11.89 0.63 -27.65
CA SER B 225 -11.73 1.40 -28.87
C SER B 225 -10.49 0.95 -29.63
N PRO B 226 -10.56 0.81 -30.96
CA PRO B 226 -9.38 0.46 -31.74
C PRO B 226 -8.36 1.59 -31.86
N TYR B 227 -8.72 2.82 -31.52
CA TYR B 227 -7.82 3.96 -31.68
C TYR B 227 -6.91 4.17 -30.48
N ARG B 228 -7.16 3.51 -29.35
CA ARG B 228 -6.38 3.74 -28.15
C ARG B 228 -4.90 3.41 -28.38
N ASP B 229 -4.64 2.19 -28.88
CA ASP B 229 -3.26 1.77 -29.10
C ASP B 229 -2.62 2.55 -30.24
N LYS B 230 -3.41 2.93 -31.25
CA LYS B 230 -2.89 3.75 -32.34
C LYS B 230 -2.45 5.12 -31.83
N ILE B 231 -3.23 5.71 -30.93
CA ILE B 231 -2.87 7.01 -30.35
C ILE B 231 -1.67 6.87 -29.44
N THR B 232 -1.59 5.79 -28.67
CA THR B 232 -0.43 5.56 -27.80
C THR B 232 0.84 5.49 -28.63
N ILE B 233 0.83 4.73 -29.73
CA ILE B 233 2.01 4.62 -30.57
C ILE B 233 2.38 5.96 -31.18
N ALA B 234 1.38 6.74 -31.58
CA ALA B 234 1.66 8.07 -32.14
C ALA B 234 2.24 8.99 -31.08
N ILE B 235 1.70 8.95 -29.86
CA ILE B 235 2.22 9.78 -28.77
C ILE B 235 3.66 9.37 -28.46
N LEU B 236 3.94 8.07 -28.44
CA LEU B 236 5.30 7.61 -28.20
C LEU B 236 6.24 8.06 -29.33
N GLN B 237 5.74 8.05 -30.57
CA GLN B 237 6.53 8.56 -31.69
C GLN B 237 6.77 10.06 -31.55
N LEU B 238 5.76 10.81 -31.12
CA LEU B 238 5.94 12.24 -30.88
C LEU B 238 6.92 12.50 -29.75
N GLN B 239 6.91 11.62 -28.72
CA GLN B 239 7.82 11.80 -27.59
C GLN B 239 9.27 11.60 -28.02
N GLU B 240 9.54 10.57 -28.83
CA GLU B 240 10.91 10.25 -29.21
C GLU B 240 11.52 11.31 -30.11
N GLU B 241 10.70 12.16 -30.73
CA GLU B 241 11.18 13.23 -31.59
C GLU B 241 11.13 14.59 -30.92
N ASP B 242 10.92 14.62 -29.60
CA ASP B 242 10.89 15.86 -28.81
C ASP B 242 9.78 16.80 -29.25
N LYS B 243 8.78 16.27 -29.97
CA LYS B 243 7.72 17.12 -30.52
C LYS B 243 6.77 17.61 -29.43
N LEU B 244 6.51 16.79 -28.42
CA LEU B 244 5.65 17.23 -27.32
C LEU B 244 6.34 18.29 -26.47
N HIS B 245 7.67 18.25 -26.42
CA HIS B 245 8.42 19.27 -25.67
CA HIS B 245 8.42 19.27 -25.66
C HIS B 245 8.32 20.63 -26.35
N ILE B 246 8.53 20.66 -27.68
CA ILE B 246 8.36 21.90 -28.43
C ILE B 246 6.92 22.39 -28.34
N MET B 247 5.98 21.44 -28.38
CA MET B 247 4.57 21.81 -28.30
C MET B 247 4.24 22.49 -26.98
N LYS B 248 4.84 22.01 -25.89
CA LYS B 248 4.61 22.63 -24.58
C LYS B 248 5.25 24.01 -24.50
N GLU B 249 6.51 24.12 -24.95
CA GLU B 249 7.20 25.41 -24.90
C GLU B 249 6.47 26.47 -25.70
N LYS B 250 5.75 26.06 -26.76
CA LYS B 250 5.02 27.02 -27.57
C LYS B 250 3.88 27.66 -26.78
N TRP B 251 3.13 26.87 -26.03
CA TRP B 251 1.98 27.38 -25.30
C TRP B 251 2.31 27.75 -23.86
N TRP B 252 3.47 27.37 -23.36
CA TRP B 252 3.91 27.65 -21.99
C TRP B 252 5.09 28.63 -22.08
N ARG B 253 4.81 29.92 -22.20
CA ARG B 253 5.90 30.87 -22.32
C ARG B 253 5.68 32.11 -21.45
N GLY B 254 4.68 32.91 -21.79
CA GLY B 254 4.37 34.10 -21.02
C GLY B 254 5.50 35.13 -20.99
N SER B 255 5.35 36.08 -20.07
CA SER B 255 6.35 37.14 -19.93
C SER B 255 7.61 36.63 -19.24
N GLY B 256 7.44 35.82 -18.19
CA GLY B 256 8.57 35.34 -17.42
C GLY B 256 8.86 36.24 -16.24
N CYS B 257 8.12 36.06 -15.15
CA CYS B 257 8.29 36.91 -13.98
C CYS B 257 9.72 36.78 -13.45
N PRO B 258 10.34 37.89 -13.05
CA PRO B 258 11.74 37.95 -12.57
C PRO B 258 12.03 36.96 -11.46
N ARG C 6 16.39 14.97 14.43
CA ARG C 6 15.02 14.48 14.45
C ARG C 6 14.95 13.00 14.11
N SER C 7 16.10 12.32 14.17
CA SER C 7 16.17 10.89 13.87
C SER C 7 15.90 10.09 15.13
N LEU C 8 15.02 9.10 15.01
CA LEU C 8 14.62 8.26 16.14
C LEU C 8 15.55 7.06 16.26
N ILE C 9 15.96 6.77 17.49
CA ILE C 9 16.79 5.59 17.75
C ILE C 9 15.89 4.37 17.83
N VAL C 10 16.21 3.36 17.04
CA VAL C 10 15.42 2.13 16.94
C VAL C 10 16.28 0.98 17.44
N THR C 11 15.88 0.40 18.57
CA THR C 11 16.56 -0.76 19.11
C THR C 11 15.94 -2.05 18.58
N THR C 12 16.78 -3.05 18.38
CA THR C 12 16.35 -4.34 17.84
C THR C 12 17.46 -5.35 18.09
N LEU C 13 17.25 -6.57 17.60
CA LEU C 13 18.25 -7.64 17.67
C LEU C 13 18.02 -8.58 16.50
N LEU C 14 19.00 -9.45 16.26
CA LEU C 14 18.95 -10.35 15.11
C LEU C 14 18.03 -11.52 15.41
N GLU C 15 17.03 -11.73 14.55
CA GLU C 15 16.12 -12.86 14.69
C GLU C 15 15.44 -13.09 13.34
N GLU C 16 15.66 -14.26 12.77
CA GLU C 16 15.09 -14.57 11.48
C GLU C 16 13.59 -14.84 11.60
N PRO C 17 12.76 -14.37 10.64
CA PRO C 17 13.15 -13.54 9.49
C PRO C 17 12.87 -12.06 9.72
N PHE C 18 12.82 -11.66 10.99
CA PHE C 18 12.42 -10.29 11.32
C PHE C 18 13.54 -9.30 11.08
N VAL C 19 14.71 -9.52 11.69
CA VAL C 19 15.87 -8.67 11.53
C VAL C 19 17.07 -9.56 11.25
N MET C 20 17.68 -9.40 10.07
CA MET C 20 18.80 -10.22 9.64
C MET C 20 19.84 -9.33 8.97
N PHE C 21 21.07 -9.84 8.89
CA PHE C 21 22.14 -9.15 8.20
C PHE C 21 22.04 -9.42 6.70
N ARG C 22 22.05 -8.35 5.91
CA ARG C 22 21.96 -8.54 4.47
C ARG C 22 23.28 -9.06 3.90
N LYS C 23 23.18 -10.07 3.03
CA LYS C 23 24.36 -10.60 2.36
C LYS C 23 24.68 -9.76 1.13
N SER C 24 25.95 -9.37 0.99
CA SER C 24 26.35 -8.54 -0.13
C SER C 24 27.85 -8.67 -0.33
N ASP C 25 28.28 -8.42 -1.58
CA ASP C 25 29.70 -8.36 -1.88
C ASP C 25 30.32 -7.03 -1.48
N ARG C 26 29.49 -5.99 -1.29
CA ARG C 26 29.94 -4.69 -0.83
C ARG C 26 29.76 -4.61 0.69
N THR C 27 30.59 -3.79 1.33
CA THR C 27 30.51 -3.61 2.78
C THR C 27 29.36 -2.67 3.11
N LEU C 28 28.44 -3.13 3.95
CA LEU C 28 27.25 -2.36 4.28
C LEU C 28 27.46 -1.56 5.56
N TYR C 29 26.88 -0.38 5.61
CA TYR C 29 27.00 0.51 6.75
C TYR C 29 25.63 1.03 7.17
N GLY C 30 25.48 1.26 8.48
CA GLY C 30 24.27 1.88 8.99
C GLY C 30 23.06 0.98 8.84
N ASN C 31 21.91 1.62 8.56
CA ASN C 31 20.65 0.88 8.43
C ASN C 31 20.67 -0.08 7.25
N ASP C 32 21.53 0.15 6.26
CA ASP C 32 21.61 -0.72 5.09
C ASP C 32 22.09 -2.13 5.44
N ARG C 33 22.57 -2.35 6.66
CA ARG C 33 23.04 -3.67 7.07
C ARG C 33 21.91 -4.66 7.28
N PHE C 34 20.68 -4.18 7.49
CA PHE C 34 19.61 -5.02 7.99
C PHE C 34 18.53 -5.24 6.94
N GLU C 35 17.90 -6.42 7.01
CA GLU C 35 16.75 -6.74 6.18
C GLU C 35 15.84 -7.67 6.96
N GLY C 36 14.61 -7.80 6.49
CA GLY C 36 13.65 -8.68 7.13
C GLY C 36 12.24 -8.13 7.21
N TYR C 37 11.34 -8.90 7.81
CA TYR C 37 9.95 -8.45 7.95
C TYR C 37 9.85 -7.15 8.73
N CYS C 38 10.50 -7.09 9.89
CA CYS C 38 10.43 -5.88 10.72
C CYS C 38 11.15 -4.71 10.06
N ILE C 39 12.17 -4.98 9.25
CA ILE C 39 12.86 -3.91 8.55
C ILE C 39 11.96 -3.31 7.47
N ASP C 40 11.21 -4.16 6.76
CA ASP C 40 10.22 -3.65 5.82
C ASP C 40 9.11 -2.89 6.54
N LEU C 41 8.66 -3.43 7.68
CA LEU C 41 7.63 -2.74 8.46
C LEU C 41 8.12 -1.39 8.95
N LEU C 42 9.39 -1.31 9.37
CA LEU C 42 9.94 -0.04 9.81
C LEU C 42 10.03 0.96 8.67
N LYS C 43 10.34 0.47 7.46
CA LYS C 43 10.39 1.37 6.30
C LYS C 43 9.00 1.87 5.94
N GLU C 44 8.00 1.00 6.02
CA GLU C 44 6.62 1.43 5.74
C GLU C 44 6.16 2.49 6.74
N LEU C 45 6.44 2.27 8.02
CA LEU C 45 6.01 3.22 9.05
C LEU C 45 6.74 4.55 8.95
N ALA C 46 8.05 4.51 8.70
CA ALA C 46 8.81 5.74 8.56
C ALA C 46 8.33 6.58 7.38
N HIS C 47 7.75 5.93 6.36
CA HIS C 47 7.25 6.64 5.20
CA HIS C 47 7.26 6.67 5.22
C HIS C 47 5.84 7.20 5.43
N ILE C 48 5.01 6.46 6.16
CA ILE C 48 3.64 6.91 6.43
C ILE C 48 3.66 8.04 7.45
N LEU C 49 4.50 7.93 8.48
CA LEU C 49 4.56 8.93 9.53
C LEU C 49 5.56 10.04 9.25
N GLY C 50 6.48 9.83 8.30
CA GLY C 50 7.43 10.85 7.91
C GLY C 50 8.49 11.15 8.96
N PHE C 51 9.23 10.13 9.38
CA PHE C 51 10.33 10.28 10.31
C PHE C 51 11.53 9.49 9.81
N SER C 52 12.72 9.95 10.20
CA SER C 52 13.95 9.23 9.97
C SER C 52 14.33 8.44 11.22
N TYR C 53 15.24 7.48 11.05
CA TYR C 53 15.57 6.58 12.14
C TYR C 53 16.98 6.05 11.96
N GLU C 54 17.55 5.58 13.07
CA GLU C 54 18.85 4.90 13.08
C GLU C 54 18.70 3.59 13.82
N ILE C 55 19.03 2.49 13.16
CA ILE C 55 18.88 1.17 13.76
C ILE C 55 20.10 0.85 14.61
N ARG C 56 19.87 0.47 15.87
CA ARG C 56 20.92 0.06 16.78
C ARG C 56 20.57 -1.29 17.38
N LEU C 57 21.44 -2.27 17.21
CA LEU C 57 21.22 -3.56 17.83
C LEU C 57 21.34 -3.44 19.35
N VAL C 58 20.41 -4.09 20.06
CA VAL C 58 20.45 -4.04 21.53
C VAL C 58 21.71 -4.73 22.02
N GLU C 59 22.35 -4.11 23.02
CA GLU C 59 23.68 -4.54 23.42
C GLU C 59 23.67 -5.93 24.05
N ASP C 60 22.78 -6.16 25.01
CA ASP C 60 22.74 -7.46 25.69
C ASP C 60 22.08 -8.55 24.85
N GLY C 61 21.48 -8.21 23.71
CA GLY C 61 20.90 -9.21 22.83
C GLY C 61 19.68 -9.91 23.37
N LYS C 62 18.95 -9.28 24.29
CA LYS C 62 17.78 -9.87 24.93
C LYS C 62 16.54 -9.05 24.59
N TYR C 63 15.39 -9.72 24.66
CA TYR C 63 14.12 -9.04 24.38
C TYR C 63 13.66 -8.21 25.57
N GLY C 64 13.60 -8.82 26.75
CA GLY C 64 13.18 -8.11 27.95
C GLY C 64 12.63 -9.00 29.03
N ALA C 65 13.36 -9.12 30.14
CA ALA C 65 12.94 -9.93 31.27
C ALA C 65 13.30 -9.19 32.55
N GLN C 66 12.67 -9.62 33.65
CA GLN C 66 12.84 -8.99 34.95
C GLN C 66 13.66 -9.90 35.87
N ASP C 67 14.54 -9.29 36.65
CA ASP C 67 15.35 -10.03 37.61
C ASP C 67 14.62 -10.11 38.95
N ASP C 68 15.35 -10.44 40.02
CA ASP C 68 14.73 -10.55 41.33
C ASP C 68 14.39 -9.17 41.91
N LYS C 69 15.21 -8.17 41.61
CA LYS C 69 14.98 -6.81 42.10
C LYS C 69 13.96 -6.04 41.26
N GLY C 70 13.41 -6.66 40.22
CA GLY C 70 12.44 -6.01 39.38
C GLY C 70 13.01 -5.18 38.24
N GLN C 71 14.31 -5.24 38.01
CA GLN C 71 14.95 -4.48 36.95
C GLN C 71 14.84 -5.22 35.61
N TRP C 72 14.67 -4.47 34.55
CA TRP C 72 14.52 -5.02 33.21
C TRP C 72 15.86 -5.09 32.50
N ASN C 73 15.90 -5.88 31.42
CA ASN C 73 17.05 -5.91 30.53
C ASN C 73 16.59 -5.80 29.08
N GLY C 74 17.50 -5.97 28.14
CA GLY C 74 17.14 -6.05 26.74
C GLY C 74 16.52 -4.79 26.19
N MET C 75 15.71 -4.96 25.15
CA MET C 75 15.08 -3.81 24.49
C MET C 75 14.11 -3.09 25.41
N VAL C 76 13.45 -3.82 26.32
CA VAL C 76 12.51 -3.19 27.23
C VAL C 76 13.23 -2.20 28.14
N LYS C 77 14.44 -2.57 28.60
CA LYS C 77 15.23 -1.66 29.42
C LYS C 77 15.67 -0.44 28.63
N GLU C 78 15.94 -0.60 27.34
CA GLU C 78 16.34 0.53 26.52
C GLU C 78 15.21 1.56 26.39
N LEU C 79 13.98 1.08 26.21
CA LEU C 79 12.85 2.00 26.10
C LEU C 79 12.54 2.67 27.44
N ILE C 80 12.71 1.94 28.54
CA ILE C 80 12.43 2.52 29.86
C ILE C 80 13.41 3.64 30.17
N ASP C 81 14.70 3.42 29.88
CA ASP C 81 15.73 4.41 30.14
C ASP C 81 15.79 5.53 29.10
N HIS C 82 14.83 5.56 28.17
CA HIS C 82 14.75 6.58 27.13
C HIS C 82 16.02 6.62 26.28
N LYS C 83 16.67 5.48 26.13
CA LYS C 83 17.85 5.37 25.27
C LYS C 83 17.49 4.97 23.85
N ALA C 84 16.24 4.56 23.60
CA ALA C 84 15.75 4.25 22.27
C ALA C 84 14.30 4.71 22.16
N ASP C 85 13.91 5.12 20.96
CA ASP C 85 12.57 5.64 20.74
C ASP C 85 11.58 4.55 20.31
N LEU C 86 12.05 3.53 19.60
CA LEU C 86 11.19 2.46 19.12
C LEU C 86 11.89 1.12 19.31
N ALA C 87 11.08 0.07 19.42
CA ALA C 87 11.59 -1.31 19.49
C ALA C 87 10.87 -2.11 18.41
N VAL C 88 11.55 -2.37 17.31
CA VAL C 88 10.99 -3.12 16.19
C VAL C 88 11.64 -4.50 16.19
N ALA C 89 10.86 -5.51 16.57
CA ALA C 89 11.34 -6.88 16.75
C ALA C 89 10.13 -7.78 17.01
N PRO C 90 10.28 -9.10 16.95
CA PRO C 90 9.18 -9.97 17.41
C PRO C 90 9.02 -9.92 18.92
N LEU C 91 8.65 -8.74 19.44
CA LEU C 91 8.54 -8.51 20.87
C LEU C 91 7.12 -8.83 21.30
N THR C 92 6.94 -9.91 22.06
CA THR C 92 5.63 -10.37 22.45
C THR C 92 4.98 -9.40 23.42
N ILE C 93 3.71 -9.08 23.17
CA ILE C 93 2.94 -8.21 24.06
C ILE C 93 2.47 -9.04 25.24
N THR C 94 2.97 -8.70 26.43
CA THR C 94 2.56 -9.35 27.67
C THR C 94 2.10 -8.29 28.66
N ALA C 95 1.27 -8.72 29.61
CA ALA C 95 0.76 -7.79 30.62
C ALA C 95 1.90 -7.18 31.43
N VAL C 96 2.90 -7.99 31.80
CA VAL C 96 3.99 -7.49 32.61
C VAL C 96 4.83 -6.48 31.83
N ARG C 97 5.04 -6.74 30.53
CA ARG C 97 5.77 -5.78 29.71
C ARG C 97 4.93 -4.54 29.41
N GLU C 98 3.63 -4.71 29.21
CA GLU C 98 2.76 -3.57 28.93
C GLU C 98 2.68 -2.62 30.12
N LYS C 99 2.95 -3.10 31.33
CA LYS C 99 2.99 -2.21 32.49
C LYS C 99 4.23 -1.32 32.49
N ALA C 100 5.29 -1.71 31.78
CA ALA C 100 6.54 -0.98 31.77
C ALA C 100 6.71 -0.07 30.56
N ILE C 101 6.25 -0.51 29.38
CA ILE C 101 6.35 0.27 28.16
C ILE C 101 4.97 0.39 27.53
N ASP C 102 4.90 1.17 26.45
CA ASP C 102 3.68 1.35 25.68
C ASP C 102 3.80 0.59 24.38
N PHE C 103 3.02 -0.48 24.25
CA PHE C 103 2.99 -1.26 23.03
C PHE C 103 2.00 -0.65 22.05
N SER C 104 2.40 -0.55 20.78
CA SER C 104 1.43 -0.31 19.74
C SER C 104 0.54 -1.55 19.58
N LYS C 105 -0.55 -1.39 18.85
CA LYS C 105 -1.40 -2.54 18.59
C LYS C 105 -0.64 -3.55 17.73
N PRO C 106 -0.93 -4.84 17.91
CA PRO C 106 -0.07 -5.87 17.30
C PRO C 106 -0.12 -5.82 15.77
N PHE C 107 1.05 -5.91 15.17
CA PHE C 107 1.16 -6.04 13.72
C PHE C 107 1.11 -7.49 13.26
N MET C 108 1.20 -8.44 14.18
CA MET C 108 1.14 -9.86 13.86
C MET C 108 0.58 -10.60 15.06
N THR C 109 -0.38 -11.49 14.81
CA THR C 109 -0.98 -12.29 15.86
C THR C 109 -0.49 -13.72 15.76
N LEU C 110 -0.36 -14.38 16.90
CA LEU C 110 0.29 -15.68 16.97
C LEU C 110 -0.13 -16.38 18.26
N GLY C 111 0.57 -17.46 18.57
CA GLY C 111 0.35 -18.18 19.80
C GLY C 111 1.46 -19.19 20.02
N VAL C 112 1.55 -19.68 21.25
CA VAL C 112 2.59 -20.65 21.60
C VAL C 112 2.13 -22.05 21.21
N SER C 113 3.00 -22.79 20.54
CA SER C 113 2.75 -24.18 20.18
C SER C 113 4.05 -24.96 20.37
N ILE C 114 4.08 -26.20 19.90
CA ILE C 114 5.16 -27.13 20.18
C ILE C 114 5.84 -27.54 18.88
N LEU C 115 7.17 -27.59 18.91
CA LEU C 115 7.98 -28.05 17.79
C LEU C 115 8.60 -29.39 18.12
N TYR C 116 8.38 -30.39 17.26
CA TYR C 116 8.83 -31.75 17.52
C TYR C 116 8.95 -32.47 16.18
N ARG C 117 9.65 -33.60 16.21
CA ARG C 117 9.83 -34.41 15.00
C ARG C 117 8.51 -35.03 14.56
N ASP C 123 0.94 -35.90 20.49
CA ASP C 123 0.15 -35.36 19.39
C ASP C 123 -0.47 -34.02 19.80
N SER C 124 -0.51 -33.75 21.10
CA SER C 124 -1.07 -32.52 21.63
C SER C 124 -0.25 -32.09 22.84
N ALA C 125 -0.61 -30.95 23.42
CA ALA C 125 0.07 -30.49 24.64
C ALA C 125 -0.33 -31.31 25.85
N ASP C 126 -1.57 -31.78 25.90
CA ASP C 126 -1.99 -32.62 27.02
C ASP C 126 -1.23 -33.94 27.03
N ASP C 127 -0.87 -34.45 25.85
CA ASP C 127 -0.11 -35.69 25.77
C ASP C 127 1.30 -35.53 26.31
N LEU C 128 1.91 -34.36 26.08
CA LEU C 128 3.27 -34.13 26.56
C LEU C 128 3.32 -33.95 28.07
N ALA C 129 2.29 -33.35 28.66
CA ALA C 129 2.32 -33.09 30.11
C ALA C 129 2.20 -34.39 30.90
N LYS C 130 1.39 -35.34 30.42
CA LYS C 130 1.14 -36.59 31.13
C LYS C 130 2.19 -37.65 30.86
N GLN C 131 3.41 -37.28 30.47
CA GLN C 131 4.45 -38.25 30.19
C GLN C 131 5.80 -37.69 30.62
N THR C 132 6.81 -38.56 30.59
CA THR C 132 8.18 -38.20 30.95
C THR C 132 9.18 -38.58 29.87
N LYS C 133 8.82 -39.44 28.91
CA LYS C 133 9.76 -39.85 27.87
C LYS C 133 10.29 -38.65 27.09
N ILE C 134 9.42 -37.71 26.73
CA ILE C 134 9.80 -36.59 25.88
C ILE C 134 10.15 -35.39 26.76
N GLU C 135 11.38 -34.92 26.65
CA GLU C 135 11.78 -33.68 27.32
C GLU C 135 11.20 -32.48 26.56
N TYR C 136 10.83 -31.44 27.30
CA TYR C 136 10.29 -30.25 26.67
C TYR C 136 10.66 -29.02 27.50
N GLY C 137 10.65 -27.88 26.84
CA GLY C 137 10.98 -26.64 27.49
C GLY C 137 10.75 -25.45 26.57
N ALA C 138 11.31 -24.31 26.95
CA ALA C 138 11.15 -23.09 26.18
C ALA C 138 12.41 -22.24 26.30
N VAL C 139 12.43 -21.12 25.58
CA VAL C 139 13.55 -20.20 25.66
C VAL C 139 13.59 -19.57 27.05
N LYS C 140 14.75 -19.61 27.67
CA LYS C 140 14.90 -19.10 29.03
C LYS C 140 14.69 -17.59 29.06
N ASP C 141 13.94 -17.13 30.07
CA ASP C 141 13.63 -15.72 30.31
C ASP C 141 12.82 -15.09 29.18
N GLY C 142 12.27 -15.89 28.28
CA GLY C 142 11.42 -15.37 27.23
C GLY C 142 9.98 -15.22 27.70
N ALA C 143 9.15 -14.70 26.79
CA ALA C 143 7.74 -14.53 27.11
C ALA C 143 7.04 -15.87 27.31
N THR C 144 7.49 -16.91 26.61
CA THR C 144 6.88 -18.23 26.77
C THR C 144 7.23 -18.84 28.12
N MET C 145 8.51 -18.75 28.52
CA MET C 145 8.90 -19.28 29.82
C MET C 145 8.25 -18.51 30.96
N THR C 146 8.22 -17.18 30.86
CA THR C 146 7.57 -16.37 31.89
C THR C 146 6.08 -16.66 31.97
N PHE C 147 5.47 -17.05 30.85
CA PHE C 147 4.06 -17.43 30.86
C PHE C 147 3.83 -18.66 31.73
N PHE C 148 4.69 -19.69 31.58
CA PHE C 148 4.54 -20.89 32.38
C PHE C 148 4.94 -20.67 33.84
N LYS C 149 5.92 -19.81 34.09
CA LYS C 149 6.37 -19.55 35.45
C LYS C 149 5.26 -18.94 36.30
N LYS C 150 4.47 -18.05 35.71
CA LYS C 150 3.44 -17.32 36.44
C LYS C 150 2.05 -17.91 36.24
N SER C 151 1.92 -18.98 35.48
CA SER C 151 0.62 -19.56 35.16
C SER C 151 0.04 -20.31 36.36
N LYS C 152 -1.28 -20.33 36.44
CA LYS C 152 -2.01 -21.08 37.45
C LYS C 152 -2.84 -22.20 36.86
N ILE C 153 -2.85 -22.36 35.53
CA ILE C 153 -3.49 -23.53 34.95
C ILE C 153 -2.68 -24.76 35.31
N SER C 154 -3.38 -25.81 35.76
CA SER C 154 -2.69 -26.98 36.32
C SER C 154 -1.77 -27.62 35.29
N THR C 155 -2.22 -27.77 34.05
CA THR C 155 -1.41 -28.42 33.03
C THR C 155 -0.12 -27.63 32.78
N PHE C 156 -0.22 -26.30 32.72
CA PHE C 156 0.95 -25.47 32.49
C PHE C 156 1.81 -25.34 33.75
N GLU C 157 1.19 -25.49 34.93
CA GLU C 157 1.98 -25.56 36.16
C GLU C 157 2.86 -26.81 36.17
N LYS C 158 2.28 -27.95 35.78
CA LYS C 158 3.07 -29.18 35.69
C LYS C 158 4.20 -29.05 34.69
N MET C 159 3.95 -28.42 33.55
CA MET C 159 5.00 -28.25 32.54
C MET C 159 6.13 -27.38 33.05
N TRP C 160 5.80 -26.33 33.81
CA TRP C 160 6.84 -25.49 34.37
C TRP C 160 7.69 -26.26 35.38
N ALA C 161 7.05 -27.11 36.18
CA ALA C 161 7.82 -27.98 37.09
C ALA C 161 8.72 -28.93 36.31
N PHE C 162 8.21 -29.49 35.21
CA PHE C 162 9.02 -30.37 34.38
C PHE C 162 10.20 -29.63 33.75
N MET C 163 9.95 -28.43 33.22
CA MET C 163 11.02 -27.68 32.55
C MET C 163 12.11 -27.28 33.53
N SER C 164 11.72 -26.75 34.70
CA SER C 164 12.70 -26.32 35.68
C SER C 164 13.42 -27.48 36.35
N SER C 165 12.83 -28.68 36.35
CA SER C 165 13.50 -29.83 36.96
C SER C 165 14.68 -30.29 36.11
N LYS C 166 14.55 -30.22 34.79
CA LYS C 166 15.65 -30.50 33.88
C LYS C 166 16.10 -29.18 33.27
N PRO C 167 17.00 -28.43 33.94
CA PRO C 167 17.35 -27.09 33.48
C PRO C 167 17.84 -27.03 32.03
N SER C 168 18.24 -28.18 31.48
CA SER C 168 18.62 -28.23 30.08
C SER C 168 17.47 -27.85 29.18
N ALA C 169 16.22 -28.12 29.61
CA ALA C 169 15.06 -27.81 28.79
C ALA C 169 14.97 -26.33 28.44
N LEU C 170 15.46 -25.46 29.33
CA LEU C 170 15.44 -24.03 29.05
C LEU C 170 16.65 -23.71 28.19
N VAL C 171 16.41 -23.27 26.96
CA VAL C 171 17.50 -23.00 26.03
C VAL C 171 17.89 -21.53 26.12
N LYS C 172 19.08 -21.22 25.60
CA LYS C 172 19.61 -19.87 25.65
C LYS C 172 18.95 -18.98 24.60
N ASN C 173 18.66 -19.54 23.43
CA ASN C 173 18.05 -18.79 22.33
C ASN C 173 17.32 -19.77 21.42
N ASN C 174 16.67 -19.24 20.38
CA ASN C 174 15.92 -20.08 19.46
C ASN C 174 16.80 -21.09 18.74
N GLU C 175 18.06 -20.73 18.45
CA GLU C 175 18.94 -21.63 17.71
C GLU C 175 19.22 -22.90 18.50
N GLU C 176 19.55 -22.76 19.79
CA GLU C 176 19.80 -23.94 20.62
C GLU C 176 18.56 -24.82 20.73
N GLY C 177 17.37 -24.21 20.79
CA GLY C 177 16.16 -25.00 20.90
C GLY C 177 15.84 -25.77 19.63
N ILE C 178 16.08 -25.16 18.47
CA ILE C 178 15.82 -25.83 17.20
C ILE C 178 16.78 -27.00 16.99
N GLN C 179 18.05 -26.81 17.36
CA GLN C 179 19.04 -27.85 17.11
C GLN C 179 18.83 -29.06 18.01
N ARG C 180 18.29 -28.87 19.21
CA ARG C 180 18.09 -30.01 20.10
C ARG C 180 16.92 -30.88 19.63
N THR C 181 15.87 -30.25 19.09
CA THR C 181 14.75 -31.03 18.58
C THR C 181 15.18 -31.95 17.45
N LEU C 182 16.27 -31.62 16.76
CA LEU C 182 16.77 -32.46 15.68
C LEU C 182 17.65 -33.59 16.20
N THR C 183 18.41 -33.34 17.26
CA THR C 183 19.41 -34.30 17.75
C THR C 183 18.97 -35.09 18.97
N ALA C 184 18.02 -34.59 19.76
CA ALA C 184 17.68 -35.24 21.03
C ALA C 184 16.17 -35.33 21.20
N ASP C 185 15.78 -36.06 22.24
CA ASP C 185 14.36 -36.25 22.60
C ASP C 185 13.86 -34.96 23.25
N TYR C 186 13.52 -33.98 22.42
CA TYR C 186 13.12 -32.69 22.95
C TYR C 186 12.07 -32.05 22.05
N ALA C 187 11.03 -31.51 22.68
CA ALA C 187 9.97 -30.78 22.01
C ALA C 187 9.98 -29.35 22.52
N LEU C 188 10.12 -28.38 21.63
CA LEU C 188 10.27 -26.99 22.03
C LEU C 188 8.93 -26.27 21.97
N LEU C 189 8.60 -25.54 23.03
CA LEU C 189 7.43 -24.67 23.06
C LEU C 189 7.79 -23.37 22.34
N MET C 190 7.22 -23.18 21.16
CA MET C 190 7.62 -22.10 20.27
C MET C 190 6.39 -21.35 19.77
N GLU C 191 6.59 -20.07 19.48
CA GLU C 191 5.52 -19.22 18.98
C GLU C 191 5.18 -19.62 17.54
N SER C 192 3.88 -19.52 17.21
CA SER C 192 3.37 -20.16 16.00
C SER C 192 4.01 -19.61 14.72
N THR C 193 4.27 -18.30 14.67
CA THR C 193 4.85 -17.73 13.46
C THR C 193 6.26 -18.25 13.23
N THR C 194 7.04 -18.39 14.31
CA THR C 194 8.37 -18.96 14.16
C THR C 194 8.31 -20.43 13.78
N ILE C 195 7.27 -21.15 14.21
CA ILE C 195 7.11 -22.54 13.82
C ILE C 195 6.90 -22.66 12.32
N GLU C 196 6.02 -21.81 11.77
CA GLU C 196 5.79 -21.82 10.34
C GLU C 196 7.07 -21.61 9.56
N TYR C 197 7.92 -20.68 10.01
CA TYR C 197 9.17 -20.41 9.32
C TYR C 197 10.10 -21.61 9.39
N ILE C 198 10.25 -22.21 10.57
CA ILE C 198 11.18 -23.33 10.74
C ILE C 198 10.69 -24.55 9.96
N THR C 199 9.39 -24.86 10.06
CA THR C 199 8.86 -26.05 9.39
C THR C 199 8.92 -25.90 7.87
N GLN C 200 8.81 -24.67 7.36
CA GLN C 200 8.93 -24.43 5.92
C GLN C 200 10.34 -24.65 5.42
N ARG C 201 11.30 -24.94 6.31
CA ARG C 201 12.69 -25.16 5.96
C ARG C 201 13.10 -26.60 6.21
N ASN C 202 13.03 -27.07 7.45
CA ASN C 202 13.30 -28.48 7.75
C ASN C 202 11.98 -29.23 7.64
N CYS C 203 11.78 -29.90 6.51
CA CYS C 203 10.56 -30.63 6.24
C CYS C 203 10.40 -31.90 7.07
N ASN C 204 11.26 -32.13 8.05
CA ASN C 204 11.09 -33.27 8.96
C ASN C 204 10.46 -32.88 10.29
N LEU C 205 10.51 -31.60 10.65
CA LEU C 205 9.89 -31.09 11.86
C LEU C 205 8.48 -30.61 11.56
N THR C 206 7.61 -30.70 12.57
CA THR C 206 6.21 -30.35 12.40
C THR C 206 5.72 -29.62 13.64
N GLN C 207 4.54 -29.00 13.48
CA GLN C 207 3.85 -28.34 14.58
C GLN C 207 2.92 -29.34 15.25
N ILE C 208 2.88 -29.29 16.58
CA ILE C 208 2.06 -30.21 17.38
C ILE C 208 0.88 -29.42 17.93
N GLY C 209 -0.33 -29.88 17.59
CA GLY C 209 -1.54 -29.24 18.08
C GLY C 209 -1.74 -27.83 17.54
N GLY C 210 -2.79 -27.19 18.05
CA GLY C 210 -3.12 -25.83 17.68
C GLY C 210 -2.40 -24.83 18.54
N LEU C 211 -3.05 -23.70 18.77
CA LEU C 211 -2.49 -22.63 19.59
C LEU C 211 -3.05 -22.76 21.02
N ILE C 212 -2.14 -22.77 21.99
CA ILE C 212 -2.58 -22.95 23.37
C ILE C 212 -3.05 -21.62 23.98
N ASP C 213 -2.49 -20.50 23.53
CA ASP C 213 -2.86 -19.18 24.02
C ASP C 213 -2.99 -18.24 22.84
N SER C 214 -3.19 -16.96 23.13
CA SER C 214 -3.35 -15.92 22.12
C SER C 214 -2.45 -14.75 22.47
N LYS C 215 -1.47 -14.47 21.62
CA LYS C 215 -0.55 -13.37 21.82
C LYS C 215 -0.37 -12.62 20.51
N GLY C 216 0.32 -11.49 20.58
CA GLY C 216 0.64 -10.71 19.40
C GLY C 216 1.98 -10.02 19.54
N TYR C 217 2.61 -9.76 18.40
CA TYR C 217 3.84 -8.98 18.37
C TYR C 217 3.48 -7.50 18.20
N GLY C 218 4.03 -6.66 19.08
CA GLY C 218 3.81 -5.22 19.01
C GLY C 218 5.12 -4.47 18.93
N ILE C 219 5.02 -3.18 18.62
CA ILE C 219 6.18 -2.30 18.52
C ILE C 219 6.25 -1.49 19.81
N GLY C 220 7.35 -1.66 20.55
CA GLY C 220 7.48 -1.01 21.84
C GLY C 220 7.92 0.43 21.71
N THR C 221 7.40 1.26 22.60
CA THR C 221 7.76 2.66 22.73
C THR C 221 7.91 2.97 24.21
N PRO C 222 8.66 4.01 24.56
CA PRO C 222 8.70 4.44 25.96
C PRO C 222 7.33 4.88 26.44
N MET C 223 7.13 4.79 27.74
CA MET C 223 5.85 5.15 28.33
C MET C 223 5.55 6.62 28.10
N GLY C 224 4.43 6.90 27.43
CA GLY C 224 4.06 8.25 27.09
C GLY C 224 4.56 8.75 25.76
N SER C 225 5.07 7.87 24.90
CA SER C 225 5.63 8.30 23.63
C SER C 225 4.52 8.82 22.71
N PRO C 226 4.76 9.94 22.02
CA PRO C 226 3.76 10.44 21.06
C PRO C 226 3.62 9.60 19.81
N TYR C 227 4.58 8.70 19.55
CA TYR C 227 4.58 7.90 18.33
C TYR C 227 3.79 6.60 18.46
N ARG C 228 3.43 6.19 19.68
CA ARG C 228 2.79 4.89 19.86
C ARG C 228 1.46 4.83 19.12
N ASP C 229 0.58 5.81 19.35
CA ASP C 229 -0.75 5.77 18.74
C ASP C 229 -0.68 6.01 17.24
N LYS C 230 0.27 6.84 16.78
CA LYS C 230 0.42 7.03 15.34
C LYS C 230 0.85 5.74 14.66
N ILE C 231 1.73 4.97 15.30
CA ILE C 231 2.15 3.68 14.75
C ILE C 231 0.99 2.70 14.75
N THR C 232 0.19 2.71 15.82
CA THR C 232 -0.99 1.85 15.89
C THR C 232 -1.94 2.12 14.73
N ILE C 233 -2.22 3.40 14.46
CA ILE C 233 -3.13 3.77 13.39
C ILE C 233 -2.57 3.33 12.03
N ALA C 234 -1.26 3.48 11.86
CA ALA C 234 -0.63 3.05 10.61
C ALA C 234 -0.68 1.54 10.44
N ILE C 235 -0.46 0.79 11.53
CA ILE C 235 -0.53 -0.67 11.45
C ILE C 235 -1.94 -1.11 11.06
N LEU C 236 -2.96 -0.46 11.63
CA LEU C 236 -4.33 -0.79 11.25
C LEU C 236 -4.58 -0.47 9.78
N GLN C 237 -4.02 0.63 9.28
CA GLN C 237 -4.15 0.95 7.86
C GLN C 237 -3.43 -0.10 7.00
N LEU C 238 -2.26 -0.55 7.44
CA LEU C 238 -1.57 -1.61 6.71
C LEU C 238 -2.37 -2.90 6.74
N GLN C 239 -3.02 -3.20 7.87
CA GLN C 239 -3.81 -4.43 7.98
C GLN C 239 -5.05 -4.39 7.10
N GLU C 240 -5.77 -3.26 7.12
CA GLU C 240 -7.05 -3.18 6.41
C GLU C 240 -6.90 -3.23 4.91
N GLU C 241 -5.72 -2.95 4.38
CA GLU C 241 -5.47 -3.00 2.94
C GLU C 241 -4.65 -4.22 2.53
N ASP C 242 -4.53 -5.21 3.42
CA ASP C 242 -3.86 -6.49 3.13
C ASP C 242 -2.39 -6.30 2.82
N LYS C 243 -1.75 -5.29 3.42
CA LYS C 243 -0.33 -5.05 3.16
C LYS C 243 0.56 -5.93 4.02
N LEU C 244 0.13 -6.29 5.23
CA LEU C 244 0.92 -7.19 6.06
C LEU C 244 0.80 -8.64 5.64
N HIS C 245 -0.27 -9.01 4.93
CA HIS C 245 -0.37 -10.34 4.37
C HIS C 245 0.74 -10.58 3.35
N ILE C 246 0.96 -9.62 2.46
CA ILE C 246 2.00 -9.75 1.45
C ILE C 246 3.38 -9.69 2.09
N MET C 247 3.56 -8.81 3.08
CA MET C 247 4.86 -8.66 3.72
C MET C 247 5.31 -9.95 4.40
N LYS C 248 4.38 -10.66 5.04
CA LYS C 248 4.73 -11.93 5.67
C LYS C 248 5.03 -13.00 4.63
N GLU C 249 4.18 -13.09 3.60
CA GLU C 249 4.35 -14.09 2.56
C GLU C 249 5.70 -13.95 1.85
N LYS C 250 6.26 -12.74 1.81
CA LYS C 250 7.54 -12.56 1.16
C LYS C 250 8.68 -13.17 1.98
N TRP C 251 8.64 -12.99 3.30
CA TRP C 251 9.71 -13.47 4.16
C TRP C 251 9.45 -14.87 4.72
N TRP C 252 8.27 -15.43 4.50
CA TRP C 252 7.95 -16.76 4.99
C TRP C 252 7.88 -17.75 3.82
N SER D 7 -18.00 7.42 39.36
CA SER D 7 -18.58 6.34 38.58
C SER D 7 -18.46 6.60 37.08
N LEU D 8 -17.98 5.60 36.35
CA LEU D 8 -17.77 5.74 34.92
C LEU D 8 -19.05 5.36 34.17
N ILE D 9 -19.44 6.20 33.20
CA ILE D 9 -20.59 5.90 32.35
C ILE D 9 -20.15 4.97 31.24
N VAL D 10 -20.88 3.86 31.08
CA VAL D 10 -20.54 2.83 30.10
C VAL D 10 -21.66 2.79 29.06
N THR D 11 -21.33 3.19 27.83
CA THR D 11 -22.26 3.12 26.72
C THR D 11 -22.14 1.78 26.01
N THR D 12 -23.27 1.30 25.49
CA THR D 12 -23.31 0.00 24.82
C THR D 12 -24.60 -0.07 24.01
N LEU D 13 -24.83 -1.23 23.39
CA LEU D 13 -26.06 -1.47 22.65
C LEU D 13 -26.35 -2.96 22.66
N LEU D 14 -27.56 -3.32 22.27
CA LEU D 14 -28.03 -4.70 22.32
C LEU D 14 -27.51 -5.47 21.12
N GLU D 15 -26.82 -6.58 21.38
CA GLU D 15 -26.33 -7.47 20.33
C GLU D 15 -26.03 -8.81 20.94
N GLU D 16 -26.73 -9.83 20.50
CA GLU D 16 -26.53 -11.17 21.05
C GLU D 16 -25.23 -11.77 20.51
N PRO D 17 -24.47 -12.49 21.34
CA PRO D 17 -24.71 -12.70 22.77
C PRO D 17 -23.90 -11.75 23.66
N PHE D 18 -23.54 -10.58 23.12
CA PHE D 18 -22.63 -9.68 23.84
C PHE D 18 -23.36 -8.90 24.93
N VAL D 19 -24.42 -8.18 24.56
CA VAL D 19 -25.21 -7.41 25.51
C VAL D 19 -26.68 -7.71 25.24
N MET D 20 -27.37 -8.26 26.23
CA MET D 20 -28.75 -8.69 26.07
C MET D 20 -29.56 -8.31 27.31
N PHE D 21 -30.88 -8.27 27.12
CA PHE D 21 -31.81 -8.04 28.22
C PHE D 21 -32.09 -9.33 28.98
N ARG D 22 -31.97 -9.26 30.30
CA ARG D 22 -32.27 -10.42 31.15
C ARG D 22 -33.77 -10.69 31.17
N LYS D 23 -34.14 -11.95 31.02
CA LYS D 23 -35.54 -12.34 31.09
C LYS D 23 -35.96 -12.54 32.54
N SER D 24 -37.09 -11.92 32.92
CA SER D 24 -37.57 -12.03 34.29
C SER D 24 -39.04 -11.67 34.34
N ASP D 25 -39.73 -12.23 35.33
CA ASP D 25 -41.11 -11.84 35.62
C ASP D 25 -41.16 -10.56 36.44
N ARG D 26 -40.05 -10.20 37.09
CA ARG D 26 -39.91 -9.00 37.89
C ARG D 26 -39.30 -7.88 37.06
N THR D 27 -39.57 -6.64 37.48
CA THR D 27 -39.00 -5.47 36.82
C THR D 27 -37.57 -5.27 37.31
N LEU D 28 -36.63 -5.28 36.37
CA LEU D 28 -35.21 -5.17 36.68
C LEU D 28 -34.75 -3.71 36.58
N TYR D 29 -33.78 -3.35 37.40
CA TYR D 29 -33.30 -1.98 37.47
C TYR D 29 -31.78 -1.93 37.34
N GLY D 30 -31.29 -0.86 36.73
CA GLY D 30 -29.86 -0.59 36.64
C GLY D 30 -29.11 -1.60 35.79
N ASN D 31 -27.88 -1.89 36.21
CA ASN D 31 -27.02 -2.82 35.48
C ASN D 31 -27.58 -4.24 35.48
N ASP D 32 -28.43 -4.58 36.45
CA ASP D 32 -29.01 -5.91 36.52
C ASP D 32 -29.91 -6.23 35.34
N ARG D 33 -30.25 -5.23 34.51
CA ARG D 33 -31.09 -5.47 33.35
C ARG D 33 -30.37 -6.23 32.25
N PHE D 34 -29.05 -6.23 32.26
CA PHE D 34 -28.25 -6.70 31.13
C PHE D 34 -27.48 -7.96 31.49
N GLU D 35 -27.25 -8.79 30.48
CA GLU D 35 -26.40 -9.97 30.59
C GLU D 35 -25.70 -10.20 29.26
N GLY D 36 -24.65 -11.01 29.28
CA GLY D 36 -23.94 -11.33 28.07
C GLY D 36 -22.44 -11.39 28.21
N TYR D 37 -21.75 -11.65 27.10
CA TYR D 37 -20.29 -11.72 27.10
C TYR D 37 -19.67 -10.42 27.57
N CYS D 38 -20.10 -9.30 26.99
CA CYS D 38 -19.53 -8.00 27.34
C CYS D 38 -19.88 -7.60 28.77
N ILE D 39 -21.02 -8.07 29.28
CA ILE D 39 -21.39 -7.79 30.67
C ILE D 39 -20.49 -8.55 31.63
N ASP D 40 -20.19 -9.81 31.30
CA ASP D 40 -19.22 -10.57 32.09
C ASP D 40 -17.84 -9.94 32.02
N LEU D 41 -17.42 -9.52 30.82
CA LEU D 41 -16.13 -8.84 30.67
C LEU D 41 -16.11 -7.53 31.44
N LEU D 42 -17.21 -6.79 31.42
CA LEU D 42 -17.26 -5.53 32.15
C LEU D 42 -17.20 -5.74 33.65
N LYS D 43 -17.79 -6.84 34.15
CA LYS D 43 -17.69 -7.15 35.57
C LYS D 43 -16.26 -7.55 35.95
N GLU D 44 -15.60 -8.34 35.09
CA GLU D 44 -14.21 -8.70 35.35
C GLU D 44 -13.30 -7.48 35.39
N LEU D 45 -13.49 -6.55 34.45
CA LEU D 45 -12.65 -5.36 34.43
C LEU D 45 -12.92 -4.49 35.66
N ALA D 46 -14.18 -4.33 36.04
CA ALA D 46 -14.49 -3.60 37.26
C ALA D 46 -13.91 -4.32 38.48
N HIS D 47 -13.74 -5.64 38.38
CA HIS D 47 -13.15 -6.40 39.48
CA HIS D 47 -13.16 -6.40 39.49
C HIS D 47 -11.64 -6.23 39.56
N ILE D 48 -10.98 -6.03 38.42
CA ILE D 48 -9.53 -5.88 38.40
C ILE D 48 -9.11 -4.44 38.67
N LEU D 49 -9.80 -3.47 38.07
CA LEU D 49 -9.43 -2.06 38.23
C LEU D 49 -10.13 -1.40 39.41
N GLY D 50 -11.20 -2.00 39.94
CA GLY D 50 -11.86 -1.45 41.11
C GLY D 50 -12.59 -0.14 40.86
N PHE D 51 -13.52 -0.15 39.90
CA PHE D 51 -14.35 1.01 39.62
C PHE D 51 -15.81 0.58 39.51
N SER D 52 -16.71 1.50 39.82
CA SER D 52 -18.13 1.30 39.61
C SER D 52 -18.54 1.94 38.28
N TYR D 53 -19.71 1.52 37.79
CA TYR D 53 -20.14 1.96 36.47
C TYR D 53 -21.66 1.92 36.40
N GLU D 54 -22.18 2.69 35.43
CA GLU D 54 -23.61 2.68 35.10
C GLU D 54 -23.74 2.47 33.61
N ILE D 55 -24.47 1.44 33.21
CA ILE D 55 -24.64 1.11 31.80
C ILE D 55 -25.79 1.95 31.24
N ARG D 56 -25.52 2.64 30.14
CA ARG D 56 -26.53 3.44 29.44
C ARG D 56 -26.50 3.03 27.97
N LEU D 57 -27.65 2.57 27.47
CA LEU D 57 -27.76 2.21 26.07
C LEU D 57 -27.66 3.45 25.19
N VAL D 58 -26.90 3.34 24.10
CA VAL D 58 -26.76 4.45 23.17
C VAL D 58 -28.10 4.71 22.50
N GLU D 59 -28.47 5.99 22.39
CA GLU D 59 -29.81 6.34 21.95
C GLU D 59 -30.04 5.97 20.48
N ASP D 60 -29.12 6.35 19.60
CA ASP D 60 -29.30 6.07 18.18
C ASP D 60 -29.08 4.61 17.83
N GLY D 61 -28.58 3.80 18.77
CA GLY D 61 -28.42 2.38 18.53
C GLY D 61 -27.36 2.01 17.51
N LYS D 62 -26.38 2.87 17.29
CA LYS D 62 -25.36 2.66 16.28
C LYS D 62 -23.99 2.50 16.93
N TYR D 63 -23.09 1.83 16.23
CA TYR D 63 -21.74 1.61 16.73
C TYR D 63 -20.88 2.86 16.55
N GLY D 64 -20.83 3.39 15.33
CA GLY D 64 -20.05 4.58 15.06
C GLY D 64 -19.63 4.71 13.61
N ALA D 65 -20.20 5.69 12.91
CA ALA D 65 -19.86 5.93 11.52
C ALA D 65 -19.79 7.43 11.28
N GLN D 66 -19.17 7.80 10.16
CA GLN D 66 -18.97 9.19 9.79
C GLN D 66 -19.87 9.57 8.64
N ASP D 67 -20.41 10.78 8.69
CA ASP D 67 -21.28 11.28 7.63
C ASP D 67 -20.42 12.00 6.58
N ASP D 68 -21.04 12.82 5.73
CA ASP D 68 -20.29 13.51 4.68
C ASP D 68 -19.43 14.62 5.25
N LYS D 69 -19.88 15.29 6.30
CA LYS D 69 -19.10 16.35 6.94
C LYS D 69 -18.08 15.81 7.94
N GLY D 70 -17.98 14.49 8.10
CA GLY D 70 -17.02 13.90 9.00
C GLY D 70 -17.45 13.77 10.44
N GLN D 71 -18.73 14.03 10.74
CA GLN D 71 -19.22 13.92 12.11
C GLN D 71 -19.60 12.49 12.42
N TRP D 72 -19.35 12.08 13.67
CA TRP D 72 -19.61 10.71 14.10
C TRP D 72 -21.00 10.58 14.72
N ASN D 73 -21.44 9.33 14.83
CA ASN D 73 -22.66 8.99 15.55
C ASN D 73 -22.41 7.82 16.49
N GLY D 74 -23.46 7.29 17.10
CA GLY D 74 -23.35 6.07 17.86
C GLY D 74 -22.46 6.20 19.09
N MET D 75 -21.90 5.06 19.51
CA MET D 75 -21.05 5.03 20.69
C MET D 75 -19.79 5.86 20.51
N VAL D 76 -19.27 5.94 19.29
CA VAL D 76 -18.06 6.73 19.04
C VAL D 76 -18.32 8.20 19.33
N LYS D 77 -19.51 8.69 18.97
CA LYS D 77 -19.85 10.08 19.28
C LYS D 77 -19.99 10.31 20.78
N GLU D 78 -20.47 9.30 21.51
CA GLU D 78 -20.59 9.43 22.96
C GLU D 78 -19.22 9.58 23.61
N LEU D 79 -18.23 8.81 23.15
CA LEU D 79 -16.88 8.91 23.72
C LEU D 79 -16.23 10.23 23.33
N ILE D 80 -16.46 10.70 22.11
CA ILE D 80 -15.86 11.96 21.66
C ILE D 80 -16.43 13.12 22.45
N ASP D 81 -17.75 13.13 22.67
CA ASP D 81 -18.42 14.21 23.38
C ASP D 81 -18.27 14.11 24.90
N HIS D 82 -17.48 13.16 25.38
CA HIS D 82 -17.24 12.95 26.82
C HIS D 82 -18.53 12.68 27.59
N LYS D 83 -19.58 12.22 26.91
CA LYS D 83 -20.82 11.84 27.59
C LYS D 83 -20.79 10.40 28.08
N ALA D 84 -19.78 9.62 27.70
CA ALA D 84 -19.60 8.27 28.23
C ALA D 84 -18.10 8.02 28.39
N ASP D 85 -17.76 7.23 29.41
CA ASP D 85 -16.36 6.95 29.71
C ASP D 85 -15.84 5.69 29.03
N LEU D 86 -16.69 4.69 28.83
CA LEU D 86 -16.28 3.42 28.24
C LEU D 86 -17.33 2.97 27.24
N ALA D 87 -16.90 2.17 26.26
CA ALA D 87 -17.79 1.56 25.28
C ALA D 87 -17.48 0.07 25.23
N VAL D 88 -18.36 -0.74 25.83
CA VAL D 88 -18.20 -2.19 25.87
C VAL D 88 -19.24 -2.79 24.94
N ALA D 89 -18.79 -3.32 23.81
CA ALA D 89 -19.64 -3.85 22.76
C ALA D 89 -18.74 -4.53 21.73
N PRO D 90 -19.29 -5.32 20.78
CA PRO D 90 -18.45 -5.81 19.69
C PRO D 90 -18.08 -4.70 18.72
N LEU D 91 -17.31 -3.72 19.21
CA LEU D 91 -16.93 -2.55 18.43
C LEU D 91 -15.61 -2.86 17.73
N THR D 92 -15.66 -2.99 16.40
CA THR D 92 -14.48 -3.39 15.64
C THR D 92 -13.43 -2.30 15.66
N ILE D 93 -12.18 -2.69 15.91
CA ILE D 93 -11.06 -1.76 15.90
C ILE D 93 -10.71 -1.45 14.46
N THR D 94 -10.92 -0.20 14.05
CA THR D 94 -10.54 0.27 12.72
C THR D 94 -9.68 1.52 12.86
N ALA D 95 -8.87 1.77 11.83
CA ALA D 95 -8.00 2.93 11.85
C ALA D 95 -8.79 4.23 11.95
N VAL D 96 -9.90 4.33 11.22
CA VAL D 96 -10.69 5.57 11.25
C VAL D 96 -11.32 5.78 12.63
N ARG D 97 -11.75 4.69 13.28
CA ARG D 97 -12.26 4.82 14.64
C ARG D 97 -11.14 5.10 15.63
N GLU D 98 -9.98 4.48 15.42
CA GLU D 98 -8.83 4.73 16.30
C GLU D 98 -8.34 6.18 16.20
N LYS D 99 -8.60 6.85 15.08
CA LYS D 99 -8.25 8.26 14.96
C LYS D 99 -9.14 9.15 15.81
N ALA D 100 -10.34 8.70 16.15
CA ALA D 100 -11.30 9.51 16.89
C ALA D 100 -11.34 9.18 18.39
N ILE D 101 -11.21 7.90 18.74
CA ILE D 101 -11.26 7.46 20.12
C ILE D 101 -10.01 6.63 20.40
N ASP D 102 -9.85 6.24 21.66
CA ASP D 102 -8.74 5.41 22.11
C ASP D 102 -9.26 4.00 22.37
N PHE D 103 -8.86 3.06 21.52
CA PHE D 103 -9.20 1.66 21.70
C PHE D 103 -8.21 0.98 22.63
N SER D 104 -8.72 0.19 23.57
CA SER D 104 -7.87 -0.76 24.26
C SER D 104 -7.43 -1.86 23.29
N LYS D 105 -6.45 -2.64 23.72
CA LYS D 105 -6.02 -3.77 22.91
C LYS D 105 -7.15 -4.79 22.82
N PRO D 106 -7.24 -5.53 21.71
CA PRO D 106 -8.43 -6.36 21.47
C PRO D 106 -8.61 -7.44 22.51
N PHE D 107 -9.85 -7.57 23.00
CA PHE D 107 -10.23 -8.68 23.86
C PHE D 107 -10.75 -9.88 23.09
N MET D 108 -11.02 -9.72 21.79
CA MET D 108 -11.50 -10.79 20.94
C MET D 108 -11.05 -10.52 19.51
N THR D 109 -10.53 -11.54 18.85
CA THR D 109 -10.07 -11.45 17.48
C THR D 109 -11.05 -12.16 16.56
N LEU D 110 -11.17 -11.67 15.33
CA LEU D 110 -12.22 -12.14 14.42
C LEU D 110 -11.80 -11.85 12.99
N GLY D 111 -12.73 -12.03 12.06
CA GLY D 111 -12.51 -11.72 10.66
C GLY D 111 -13.82 -11.80 9.91
N VAL D 112 -13.81 -11.29 8.69
CA VAL D 112 -15.00 -11.29 7.84
C VAL D 112 -15.13 -12.63 7.14
N SER D 113 -16.34 -13.20 7.17
CA SER D 113 -16.64 -14.43 6.47
C SER D 113 -18.06 -14.30 5.90
N ILE D 114 -18.60 -15.41 5.41
CA ILE D 114 -19.87 -15.42 4.68
C ILE D 114 -20.87 -16.28 5.45
N LEU D 115 -22.08 -15.75 5.58
CA LEU D 115 -23.20 -16.46 6.19
C LEU D 115 -24.22 -16.79 5.10
N TYR D 116 -24.57 -18.06 4.98
CA TYR D 116 -25.43 -18.51 3.89
C TYR D 116 -26.12 -19.80 4.30
N ARG D 117 -27.21 -20.10 3.61
CA ARG D 117 -27.97 -21.31 3.86
C ARG D 117 -27.26 -22.51 3.26
N LYS D 118 -27.15 -23.59 4.06
CA LYS D 118 -26.51 -24.80 3.57
C LYS D 118 -27.37 -25.45 2.49
N GLY D 119 -26.76 -26.39 1.76
CA GLY D 119 -27.41 -27.06 0.67
C GLY D 119 -27.10 -26.49 -0.70
N THR D 120 -26.28 -25.45 -0.79
CA THR D 120 -25.87 -24.86 -2.06
C THR D 120 -24.35 -24.98 -2.17
N PRO D 121 -23.81 -25.61 -3.22
CA PRO D 121 -22.37 -25.80 -3.31
C PRO D 121 -21.60 -24.50 -3.50
N ILE D 122 -21.45 -23.73 -2.43
CA ILE D 122 -20.63 -22.52 -2.42
C ILE D 122 -19.52 -22.70 -1.39
N ASP D 123 -18.30 -22.33 -1.77
CA ASP D 123 -17.14 -22.63 -0.94
C ASP D 123 -16.24 -21.44 -0.63
N SER D 124 -16.30 -20.35 -1.40
CA SER D 124 -15.41 -19.22 -1.15
C SER D 124 -16.08 -17.92 -1.59
N ALA D 125 -15.40 -16.81 -1.35
CA ALA D 125 -15.88 -15.50 -1.80
C ALA D 125 -15.76 -15.35 -3.31
N ASP D 126 -14.73 -15.97 -3.91
CA ASP D 126 -14.58 -15.90 -5.36
C ASP D 126 -15.77 -16.53 -6.07
N ASP D 127 -16.40 -17.54 -5.45
CA ASP D 127 -17.57 -18.15 -6.07
C ASP D 127 -18.74 -17.18 -6.11
N LEU D 128 -18.89 -16.35 -5.08
CA LEU D 128 -19.95 -15.35 -5.07
C LEU D 128 -19.67 -14.21 -6.02
N ALA D 129 -18.40 -13.83 -6.18
CA ALA D 129 -18.06 -12.70 -7.04
C ALA D 129 -18.29 -13.00 -8.51
N LYS D 130 -18.04 -14.24 -8.93
CA LYS D 130 -18.15 -14.61 -10.34
C LYS D 130 -19.57 -14.90 -10.79
N GLN D 131 -20.58 -14.54 -9.99
CA GLN D 131 -21.97 -14.82 -10.32
C GLN D 131 -22.84 -13.66 -9.88
N THR D 132 -24.11 -13.70 -10.31
CA THR D 132 -25.07 -12.66 -9.98
C THR D 132 -26.41 -13.20 -9.47
N LYS D 133 -26.65 -14.52 -9.55
CA LYS D 133 -27.94 -15.05 -9.11
C LYS D 133 -28.09 -14.98 -7.60
N ILE D 134 -26.99 -15.14 -6.86
CA ILE D 134 -27.02 -15.06 -5.41
C ILE D 134 -26.66 -13.65 -5.00
N GLU D 135 -27.61 -12.94 -4.40
CA GLU D 135 -27.33 -11.61 -3.88
C GLU D 135 -26.51 -11.71 -2.60
N TYR D 136 -25.70 -10.67 -2.35
CA TYR D 136 -24.86 -10.65 -1.17
C TYR D 136 -24.65 -9.20 -0.73
N GLY D 137 -24.33 -9.04 0.55
CA GLY D 137 -24.10 -7.73 1.10
C GLY D 137 -23.63 -7.82 2.53
N ALA D 138 -23.68 -6.68 3.22
CA ALA D 138 -23.27 -6.58 4.61
C ALA D 138 -24.10 -5.50 5.30
N VAL D 139 -23.90 -5.36 6.60
CA VAL D 139 -24.58 -4.31 7.35
C VAL D 139 -24.07 -2.94 6.88
N LYS D 140 -25.02 -2.06 6.56
CA LYS D 140 -24.65 -0.73 6.06
C LYS D 140 -23.91 0.06 7.13
N ASP D 141 -22.87 0.76 6.69
CA ASP D 141 -22.03 1.63 7.53
C ASP D 141 -21.28 0.87 8.61
N GLY D 142 -21.22 -0.46 8.53
CA GLY D 142 -20.45 -1.24 9.48
C GLY D 142 -18.99 -1.33 9.08
N ALA D 143 -18.21 -1.99 9.95
CA ALA D 143 -16.79 -2.17 9.66
C ALA D 143 -16.56 -3.10 8.47
N THR D 144 -17.48 -4.04 8.25
CA THR D 144 -17.35 -4.95 7.12
C THR D 144 -17.56 -4.23 5.79
N MET D 145 -18.55 -3.34 5.74
CA MET D 145 -18.80 -2.58 4.51
C MET D 145 -17.61 -1.70 4.16
N THR D 146 -17.03 -1.03 5.16
CA THR D 146 -15.85 -0.20 4.91
C THR D 146 -14.67 -1.04 4.41
N PHE D 147 -14.59 -2.30 4.82
CA PHE D 147 -13.53 -3.17 4.33
C PHE D 147 -13.65 -3.38 2.83
N PHE D 148 -14.87 -3.63 2.33
CA PHE D 148 -15.06 -3.83 0.90
C PHE D 148 -14.92 -2.52 0.14
N LYS D 149 -15.32 -1.40 0.74
CA LYS D 149 -15.22 -0.11 0.06
C LYS D 149 -13.78 0.25 -0.25
N LYS D 150 -12.87 -0.05 0.66
CA LYS D 150 -11.47 0.33 0.50
C LYS D 150 -10.59 -0.80 -0.04
N SER D 151 -11.16 -1.95 -0.35
CA SER D 151 -10.36 -3.06 -0.84
C SER D 151 -9.94 -2.84 -2.29
N LYS D 152 -8.76 -3.33 -2.63
CA LYS D 152 -8.25 -3.27 -4.00
C LYS D 152 -8.05 -4.65 -4.60
N ILE D 153 -8.31 -5.72 -3.85
CA ILE D 153 -8.27 -7.07 -4.42
C ILE D 153 -9.43 -7.22 -5.40
N SER D 154 -9.14 -7.82 -6.55
CA SER D 154 -10.12 -7.84 -7.65
C SER D 154 -11.42 -8.51 -7.24
N THR D 155 -11.36 -9.64 -6.55
CA THR D 155 -12.58 -10.34 -6.15
C THR D 155 -13.41 -9.51 -5.19
N PHE D 156 -12.77 -8.85 -4.22
CA PHE D 156 -13.49 -8.04 -3.25
C PHE D 156 -13.93 -6.71 -3.85
N GLU D 157 -13.16 -6.18 -4.81
CA GLU D 157 -13.54 -4.94 -5.47
C GLU D 157 -14.79 -5.15 -6.32
N LYS D 158 -14.89 -6.32 -6.97
CA LYS D 158 -16.10 -6.68 -7.71
C LYS D 158 -17.30 -6.77 -6.78
N MET D 159 -17.11 -7.37 -5.60
CA MET D 159 -18.22 -7.53 -4.66
C MET D 159 -18.72 -6.18 -4.16
N TRP D 160 -17.80 -5.24 -3.91
CA TRP D 160 -18.21 -3.91 -3.47
C TRP D 160 -19.00 -3.19 -4.57
N ALA D 161 -18.60 -3.38 -5.83
CA ALA D 161 -19.35 -2.77 -6.93
C ALA D 161 -20.80 -3.26 -6.95
N PHE D 162 -21.00 -4.55 -6.70
CA PHE D 162 -22.37 -5.08 -6.61
C PHE D 162 -23.11 -4.50 -5.41
N MET D 163 -22.44 -4.46 -4.25
CA MET D 163 -23.07 -3.96 -3.04
C MET D 163 -23.41 -2.47 -3.16
N SER D 164 -22.55 -1.71 -3.84
CA SER D 164 -22.80 -0.28 -4.04
C SER D 164 -23.76 -0.01 -5.19
N SER D 165 -23.88 -0.95 -6.14
CA SER D 165 -24.85 -0.76 -7.23
C SER D 165 -26.27 -0.98 -6.74
N LYS D 166 -26.49 -2.03 -5.94
CA LYS D 166 -27.80 -2.33 -5.37
C LYS D 166 -27.80 -1.99 -3.89
N PRO D 167 -28.23 -0.78 -3.51
CA PRO D 167 -28.24 -0.42 -2.08
C PRO D 167 -29.17 -1.30 -1.24
N SER D 168 -30.14 -1.97 -1.85
CA SER D 168 -30.99 -2.89 -1.10
C SER D 168 -30.19 -4.02 -0.47
N ALA D 169 -29.07 -4.41 -1.08
CA ALA D 169 -28.25 -5.48 -0.53
C ALA D 169 -27.74 -5.16 0.87
N LEU D 170 -27.56 -3.89 1.19
CA LEU D 170 -27.07 -3.47 2.50
C LEU D 170 -28.19 -3.45 3.51
N VAL D 171 -28.07 -4.26 4.56
CA VAL D 171 -29.09 -4.36 5.60
C VAL D 171 -28.76 -3.37 6.72
N LYS D 172 -29.76 -3.08 7.55
CA LYS D 172 -29.59 -2.13 8.64
C LYS D 172 -28.83 -2.72 9.81
N ASN D 173 -29.04 -4.00 10.11
CA ASN D 173 -28.40 -4.63 11.26
C ASN D 173 -28.29 -6.13 11.02
N ASN D 174 -27.69 -6.83 11.99
CA ASN D 174 -27.50 -8.26 11.86
C ASN D 174 -28.84 -9.00 11.79
N GLU D 175 -29.84 -8.52 12.54
CA GLU D 175 -31.14 -9.20 12.57
C GLU D 175 -31.79 -9.19 11.19
N GLU D 176 -31.79 -8.04 10.53
CA GLU D 176 -32.32 -7.97 9.17
C GLU D 176 -31.47 -8.79 8.20
N GLY D 177 -30.15 -8.80 8.41
CA GLY D 177 -29.29 -9.57 7.54
C GLY D 177 -29.46 -11.07 7.70
N ILE D 178 -29.64 -11.54 8.93
CA ILE D 178 -29.84 -12.97 9.16
C ILE D 178 -31.17 -13.43 8.57
N GLN D 179 -32.21 -12.61 8.70
CA GLN D 179 -33.53 -13.01 8.21
C GLN D 179 -33.56 -13.10 6.69
N ARG D 180 -32.77 -12.27 6.00
CA ARG D 180 -32.74 -12.36 4.53
C ARG D 180 -31.99 -13.60 4.07
N THR D 181 -30.97 -14.03 4.82
CA THR D 181 -30.31 -15.29 4.49
C THR D 181 -31.22 -16.49 4.71
N LEU D 182 -32.19 -16.36 5.63
CA LEU D 182 -33.11 -17.45 5.90
C LEU D 182 -34.26 -17.50 4.90
N THR D 183 -34.71 -16.35 4.41
CA THR D 183 -35.90 -16.30 3.57
C THR D 183 -35.60 -16.21 2.08
N ALA D 184 -34.40 -15.74 1.70
CA ALA D 184 -34.10 -15.51 0.29
C ALA D 184 -32.71 -16.06 -0.02
N ASP D 185 -32.43 -16.19 -1.32
CA ASP D 185 -31.12 -16.63 -1.79
C ASP D 185 -30.14 -15.48 -1.59
N TYR D 186 -29.68 -15.34 -0.35
CA TYR D 186 -28.84 -14.23 0.05
C TYR D 186 -27.76 -14.71 1.00
N ALA D 187 -26.53 -14.25 0.78
CA ALA D 187 -25.39 -14.56 1.63
C ALA D 187 -24.91 -13.26 2.27
N LEU D 188 -24.86 -13.23 3.59
CA LEU D 188 -24.52 -12.03 4.33
C LEU D 188 -23.03 -12.05 4.68
N LEU D 189 -22.35 -10.93 4.40
CA LEU D 189 -20.96 -10.76 4.80
C LEU D 189 -20.94 -10.32 6.26
N MET D 190 -20.53 -11.24 7.14
CA MET D 190 -20.65 -11.07 8.58
C MET D 190 -19.33 -11.42 9.26
N GLU D 191 -19.11 -10.82 10.43
CA GLU D 191 -17.91 -11.10 11.20
C GLU D 191 -17.97 -12.52 11.77
N SER D 192 -16.80 -13.17 11.82
CA SER D 192 -16.75 -14.61 12.07
C SER D 192 -17.33 -14.99 13.43
N THR D 193 -17.11 -14.16 14.46
CA THR D 193 -17.59 -14.51 15.79
C THR D 193 -19.10 -14.57 15.85
N THR D 194 -19.78 -13.63 15.18
CA THR D 194 -21.24 -13.67 15.15
C THR D 194 -21.75 -14.85 14.35
N ILE D 195 -21.02 -15.27 13.31
CA ILE D 195 -21.42 -16.44 12.53
C ILE D 195 -21.38 -17.69 13.40
N GLU D 196 -20.31 -17.87 14.19
CA GLU D 196 -20.22 -19.02 15.07
C GLU D 196 -21.43 -19.12 16.00
N TYR D 197 -21.89 -17.98 16.52
CA TYR D 197 -23.05 -17.98 17.40
C TYR D 197 -24.31 -18.43 16.66
N ILE D 198 -24.54 -17.87 15.47
CA ILE D 198 -25.76 -18.19 14.73
C ILE D 198 -25.77 -19.64 14.28
N THR D 199 -24.64 -20.13 13.76
CA THR D 199 -24.60 -21.49 13.23
C THR D 199 -24.80 -22.54 14.32
N GLN D 200 -24.34 -22.25 15.55
CA GLN D 200 -24.52 -23.18 16.66
C GLN D 200 -25.96 -23.22 17.17
N ARG D 201 -26.84 -22.35 16.69
CA ARG D 201 -28.22 -22.35 17.14
C ARG D 201 -29.22 -22.68 16.04
N ASN D 202 -29.00 -22.18 14.83
CA ASN D 202 -29.86 -22.47 13.68
C ASN D 202 -29.07 -23.35 12.73
N CYS D 203 -29.48 -24.61 12.61
CA CYS D 203 -28.74 -25.63 11.87
C CYS D 203 -28.96 -25.56 10.36
N ASN D 204 -29.63 -24.53 9.84
CA ASN D 204 -29.79 -24.37 8.40
C ASN D 204 -28.79 -23.40 7.79
N LEU D 205 -28.21 -22.50 8.58
CA LEU D 205 -27.21 -21.56 8.11
C LEU D 205 -25.81 -22.14 8.33
N THR D 206 -24.89 -21.76 7.44
CA THR D 206 -23.53 -22.26 7.51
C THR D 206 -22.55 -21.14 7.17
N GLN D 207 -21.29 -21.37 7.53
CA GLN D 207 -20.20 -20.47 7.19
C GLN D 207 -19.53 -20.94 5.90
N ILE D 208 -19.23 -19.99 5.02
CA ILE D 208 -18.57 -20.28 3.74
C ILE D 208 -17.14 -19.75 3.80
N GLY D 209 -16.17 -20.64 3.59
CA GLY D 209 -14.78 -20.26 3.58
C GLY D 209 -14.27 -19.86 4.95
N GLY D 210 -13.01 -19.44 4.97
CA GLY D 210 -12.33 -19.01 6.17
C GLY D 210 -12.56 -17.55 6.47
N LEU D 211 -11.55 -16.92 7.08
CA LEU D 211 -11.60 -15.51 7.42
C LEU D 211 -10.93 -14.69 6.32
N ILE D 212 -11.63 -13.67 5.84
CA ILE D 212 -11.09 -12.87 4.74
C ILE D 212 -10.10 -11.82 5.23
N ASP D 213 -10.30 -11.29 6.44
CA ASP D 213 -9.38 -10.29 7.00
C ASP D 213 -9.14 -10.64 8.46
N SER D 214 -8.42 -9.76 9.15
CA SER D 214 -8.08 -9.96 10.55
C SER D 214 -8.36 -8.67 11.31
N LYS D 215 -9.32 -8.72 12.23
CA LYS D 215 -9.68 -7.58 13.05
C LYS D 215 -9.87 -8.05 14.49
N GLY D 216 -10.12 -7.08 15.38
CA GLY D 216 -10.37 -7.40 16.76
C GLY D 216 -11.39 -6.45 17.37
N TYR D 217 -12.08 -6.94 18.39
CA TYR D 217 -13.00 -6.13 19.17
C TYR D 217 -12.24 -5.44 20.30
N GLY D 218 -12.41 -4.12 20.40
CA GLY D 218 -11.78 -3.34 21.44
C GLY D 218 -12.81 -2.58 22.26
N ILE D 219 -12.36 -2.06 23.39
CA ILE D 219 -13.20 -1.26 24.29
C ILE D 219 -12.86 0.20 24.07
N GLY D 220 -13.85 0.98 23.65
CA GLY D 220 -13.61 2.37 23.33
C GLY D 220 -13.56 3.26 24.56
N THR D 221 -12.68 4.24 24.51
CA THR D 221 -12.53 5.25 25.55
C THR D 221 -12.36 6.60 24.84
N PRO D 222 -12.65 7.69 25.54
CA PRO D 222 -12.36 9.01 24.96
C PRO D 222 -10.86 9.18 24.71
N MET D 223 -10.53 10.03 23.73
CA MET D 223 -9.14 10.27 23.41
C MET D 223 -8.43 10.90 24.60
N GLY D 224 -7.38 10.23 25.08
CA GLY D 224 -6.67 10.67 26.26
C GLY D 224 -7.20 10.12 27.56
N SER D 225 -8.04 9.10 27.51
CA SER D 225 -8.63 8.57 28.74
C SER D 225 -7.56 7.89 29.59
N PRO D 226 -7.58 8.11 30.91
CA PRO D 226 -6.61 7.42 31.78
C PRO D 226 -6.91 5.94 31.96
N TYR D 227 -8.10 5.48 31.59
CA TYR D 227 -8.50 4.10 31.81
C TYR D 227 -8.13 3.17 30.65
N ARG D 228 -7.71 3.73 29.50
CA ARG D 228 -7.43 2.91 28.33
C ARG D 228 -6.32 1.91 28.60
N ASP D 229 -5.17 2.39 29.08
CA ASP D 229 -4.04 1.49 29.30
C ASP D 229 -4.29 0.54 30.47
N LYS D 230 -5.03 0.99 31.49
CA LYS D 230 -5.37 0.10 32.59
C LYS D 230 -6.26 -1.05 32.12
N ILE D 231 -7.21 -0.76 31.23
CA ILE D 231 -8.07 -1.81 30.70
C ILE D 231 -7.27 -2.75 29.81
N THR D 232 -6.35 -2.20 29.00
CA THR D 232 -5.50 -3.03 28.15
C THR D 232 -4.71 -4.03 28.98
N ILE D 233 -4.08 -3.56 30.06
CA ILE D 233 -3.29 -4.44 30.92
C ILE D 233 -4.18 -5.49 31.56
N ALA D 234 -5.39 -5.10 31.97
CA ALA D 234 -6.32 -6.06 32.57
C ALA D 234 -6.77 -7.10 31.56
N ILE D 235 -7.05 -6.67 30.33
CA ILE D 235 -7.42 -7.63 29.28
C ILE D 235 -6.29 -8.61 29.01
N LEU D 236 -5.05 -8.11 29.00
CA LEU D 236 -3.91 -8.99 28.80
C LEU D 236 -3.78 -10.00 29.94
N GLN D 237 -4.05 -9.57 31.17
CA GLN D 237 -4.04 -10.51 32.29
C GLN D 237 -5.14 -11.53 32.16
N LEU D 238 -6.34 -11.11 31.72
CA LEU D 238 -7.42 -12.06 31.49
C LEU D 238 -7.07 -13.06 30.41
N GLN D 239 -6.36 -12.61 29.37
CA GLN D 239 -5.97 -13.52 28.30
C GLN D 239 -4.96 -14.54 28.80
N GLU D 240 -3.96 -14.09 29.56
CA GLU D 240 -2.90 -14.98 30.03
C GLU D 240 -3.40 -15.98 31.05
N GLU D 241 -4.56 -15.74 31.66
CA GLU D 241 -5.14 -16.66 32.62
C GLU D 241 -6.29 -17.46 32.01
N ASP D 242 -6.45 -17.41 30.69
CA ASP D 242 -7.43 -18.20 29.95
C ASP D 242 -8.87 -17.88 30.36
N LYS D 243 -9.11 -16.71 30.95
CA LYS D 243 -10.46 -16.37 31.39
C LYS D 243 -11.34 -15.92 30.23
N LEU D 244 -10.76 -15.30 29.20
CA LEU D 244 -11.56 -14.86 28.07
C LEU D 244 -11.99 -16.04 27.20
N HIS D 245 -11.20 -17.11 27.17
CA HIS D 245 -11.60 -18.31 26.44
C HIS D 245 -12.80 -18.99 27.13
N ILE D 246 -12.74 -19.11 28.45
CA ILE D 246 -13.87 -19.66 29.20
C ILE D 246 -15.08 -18.76 29.08
N MET D 247 -14.85 -17.44 29.09
CA MET D 247 -15.96 -16.49 29.00
C MET D 247 -16.72 -16.65 27.68
N LYS D 248 -16.00 -16.89 26.58
CA LYS D 248 -16.65 -17.09 25.30
C LYS D 248 -17.40 -18.42 25.26
N GLU D 249 -16.77 -19.50 25.74
CA GLU D 249 -17.42 -20.81 25.74
C GLU D 249 -18.72 -20.78 26.52
N LYS D 250 -18.84 -19.89 27.51
CA LYS D 250 -20.07 -19.79 28.29
C LYS D 250 -21.23 -19.27 27.44
N TRP D 251 -20.96 -18.33 26.55
CA TRP D 251 -22.01 -17.67 25.78
C TRP D 251 -22.15 -18.19 24.35
N TRP D 252 -21.23 -19.04 23.88
CA TRP D 252 -21.27 -19.59 22.53
C TRP D 252 -21.64 -21.06 22.64
N ARG D 253 -22.93 -21.36 22.65
CA ARG D 253 -23.43 -22.72 22.74
C ARG D 253 -24.62 -22.93 21.81
C ACT E . 19.46 -6.29 -25.85
O ACT E . 18.42 -6.19 -26.57
OXT ACT E . 19.54 -6.43 -24.60
CH3 ACT E . 20.83 -6.22 -26.60
C ACT F . 16.10 -5.30 1.11
O ACT F . 17.18 -4.82 1.56
OXT ACT F . 15.72 -6.50 1.10
CH3 ACT F . 15.11 -4.28 0.46
ZN ZN G . 6.10 8.78 -0.54
ZN ZN H . -0.91 -14.94 -0.88
ZN ZN I . -1.62 -16.40 -26.02
ZN ZN J . 11.05 8.88 0.85
CL CL K . 22.12 -11.46 -9.46
CL CL L . 36.94 0.63 -32.69
S SO4 M . 11.22 11.87 -4.35
O1 SO4 M . 10.13 11.29 -5.13
O2 SO4 M . 12.14 12.57 -5.23
O3 SO4 M . 11.94 10.80 -3.65
O4 SO4 M . 10.68 12.80 -3.37
S SO4 N . -1.63 -18.40 -28.67
O1 SO4 N . -0.39 -18.74 -29.37
O2 SO4 N . -2.30 -17.31 -29.39
O3 SO4 N . -2.52 -19.56 -28.63
O4 SO4 N . -1.33 -17.97 -27.31
S SO4 O . 14.77 -20.72 -15.35
O1 SO4 O . 16.16 -21.13 -15.19
O2 SO4 O . 14.59 -20.09 -16.65
O3 SO4 O . 13.91 -21.89 -15.25
O4 SO4 O . 14.42 -19.77 -14.30
S SO4 P . 17.48 -18.05 2.64
O1 SO4 P . 18.29 -19.16 3.06
O2 SO4 P . 17.51 -17.96 1.21
O3 SO4 P . 18.01 -16.84 3.20
O4 SO4 P . 16.13 -18.25 3.08
C1 PEG Q . 5.10 9.70 -20.35
O1 PEG Q . 5.58 8.61 -19.58
C2 PEG Q . 6.10 10.81 -20.44
O2 PEG Q . 5.54 11.90 -21.19
C3 PEG Q . 6.44 13.00 -21.29
C4 PEG Q . 6.77 13.53 -19.94
O4 PEG Q . 7.68 14.62 -20.00
N KAI R . 16.45 -0.90 -20.19
CD KAI R . 17.47 -1.85 -19.54
CD1 KAI R . 20.18 -3.03 -19.11
CD2 KAI R . 20.47 -3.51 -21.54
CA KAI R . 16.86 -0.73 -21.67
CB KAI R . 18.34 -1.17 -21.68
CB1 KAI R . 19.32 -0.02 -21.25
CG KAI R . 18.32 -2.37 -20.71
CG1 KAI R . 19.45 1.11 -22.28
CG2 KAI R . 19.68 -2.97 -20.36
C KAI R . 15.81 -1.50 -22.54
O KAI R . 16.03 -1.64 -23.76
OD1 KAI R . 19.81 2.23 -21.86
OD2 KAI R . 19.20 0.87 -23.47
OXT KAI R . 14.79 -1.97 -22.00
C1 GOL S . 19.29 -18.99 -18.64
O1 GOL S . 18.80 -19.38 -19.89
C2 GOL S . 18.80 -20.05 -17.63
O2 GOL S . 17.42 -20.12 -17.55
C3 GOL S . 19.44 -19.62 -16.29
O3 GOL S . 18.83 -20.36 -15.30
C ACT T . -15.26 16.95 -12.54
O ACT T . -14.82 18.10 -12.82
OXT ACT T . -14.72 15.82 -12.73
CH3 ACT T . -16.67 16.92 -11.85
ZN ZN U . 14.07 22.35 -25.15
ZN ZN V . 1.76 16.91 -38.54
ZN ZN W . 12.85 17.42 -24.57
ZN ZN X . -18.35 3.50 -30.12
ZN ZN Y . 3.83 14.79 -41.55
ZN ZN Z . -21.81 1.94 -29.33
CL CL AA . -1.61 1.79 -22.21
CL CL BA . -10.87 30.82 -24.11
S SO4 CA . -9.46 36.20 -39.79
O1 SO4 CA . -9.46 34.74 -39.81
O2 SO4 CA . -9.03 36.71 -41.08
O3 SO4 CA . -10.81 36.68 -39.52
O4 SO4 CA . -8.56 36.67 -38.75
S SO4 DA . 12.53 16.64 -21.65
O1 SO4 DA . 13.88 17.18 -21.59
O2 SO4 DA . 12.44 15.68 -22.75
O3 SO4 DA . 12.22 15.96 -20.39
O4 SO4 DA . 11.57 17.72 -21.86
N KAI EA . -7.24 17.71 -14.67
CD KAI EA . -7.79 19.10 -15.04
CD1 KAI EA . -9.07 21.78 -14.62
CD2 KAI EA . -10.80 20.82 -13.11
CA KAI EA . -7.89 17.29 -13.33
CB KAI EA . -8.57 18.59 -12.82
CB1 KAI EA . -7.61 19.46 -11.93
CG KAI EA . -9.01 19.28 -14.14
CG1 KAI EA . -7.48 18.94 -10.50
CG2 KAI EA . -9.57 20.69 -14.01
C KAI EA . -8.76 16.02 -13.59
O KAI EA . -8.68 15.42 -14.70
OD1 KAI EA . -8.07 17.90 -10.17
OD2 KAI EA . -6.76 19.59 -9.71
OXT KAI EA . -9.52 15.62 -12.69
C1 GOL FA . -16.52 20.40 -37.65
O1 GOL FA . -17.83 19.98 -37.88
C2 GOL FA . -16.04 21.06 -38.97
O2 GOL FA . -14.84 21.74 -38.80
C3 GOL FA . -15.92 19.87 -39.95
O3 GOL FA . -15.57 20.41 -41.18
C1 GOL GA . -3.39 8.18 -44.33
O1 GOL GA . -3.56 9.55 -44.47
C2 GOL GA . -2.64 7.97 -43.00
O2 GOL GA . -1.40 8.61 -43.00
C3 GOL GA . -2.49 6.43 -42.87
O3 GOL GA . -2.02 6.18 -41.58
C1 GOL HA . 6.66 10.35 -6.21
O1 GOL HA . 5.45 9.95 -5.65
C2 GOL HA . 6.92 11.80 -5.72
O2 GOL HA . 6.13 12.73 -6.38
C3 GOL HA . 6.63 11.77 -4.19
O3 GOL HA . 7.18 12.92 -3.65
C ACT IA . 15.16 -12.14 27.49
O ACT IA . 15.02 -13.07 26.64
OXT ACT IA . 14.52 -11.07 27.60
CH3 ACT IA . 16.29 -12.39 28.54
ZN ZN JA . -4.68 -11.18 0.97
ZN ZN KA . 11.27 10.38 26.03
CL CL LA . -3.02 0.03 22.00
S SO4 MA . 23.62 -4.68 -2.39
O1 SO4 MA . 24.94 -4.06 -2.45
O2 SO4 MA . 22.72 -4.01 -3.32
O3 SO4 MA . 23.73 -6.09 -2.75
O4 SO4 MA . 23.09 -4.56 -1.03
S SO4 NA . 24.80 -1.34 15.98
O1 SO4 NA . 26.09 -1.86 15.55
O2 SO4 NA . 24.54 -0.06 15.30
O3 SO4 NA . 23.75 -2.29 15.64
O4 SO4 NA . 24.82 -1.12 17.42
S SO4 OA . 14.40 12.03 28.28
O1 SO4 OA . 15.51 11.14 27.92
O2 SO4 OA . 14.87 13.41 28.28
O3 SO4 OA . 13.91 11.67 29.61
O4 SO4 OA . 13.32 11.89 27.31
N KAI PA . 9.40 -13.35 21.13
CD KAI PA . 10.70 -13.78 20.44
CD1 KAI PA . 13.12 -15.49 19.99
CD2 KAI PA . 13.80 -15.32 22.39
CA KAI PA . 9.48 -13.81 22.60
CB KAI PA . 10.63 -14.84 22.59
CB1 KAI PA . 10.16 -16.28 22.17
CG KAI PA . 11.62 -14.20 21.59
CG1 KAI PA . 9.48 -17.05 23.31
CG2 KAI PA . 12.86 -15.03 21.23
C KAI PA . 9.61 -12.55 23.51
O KAI PA . 9.11 -11.45 23.14
OD1 KAI PA . 9.23 -16.45 24.38
OD2 KAI PA . 9.20 -18.25 23.11
OXT KAI PA . 10.21 -12.65 24.60
C ACT QA . -7.71 -20.10 23.05
O ACT QA . -6.67 -20.36 22.37
OXT ACT QA . -7.88 -20.20 24.30
CH3 ACT QA . -8.93 -19.59 22.22
C ACT RA . -23.26 1.71 12.41
O ACT RA . -22.06 2.03 12.62
OXT ACT RA . -23.87 0.67 12.78
CH3 ACT RA . -24.11 2.71 11.56
ZN ZN SA . -7.97 -21.16 26.11
CL CL TA . -29.93 2.60 29.65
CL CL UA . -24.35 -3.79 39.88
S SO4 VA . -36.78 -14.08 38.53
O1 SO4 VA . -35.47 -13.45 38.33
O2 SO4 VA . -37.21 -14.72 37.28
O3 SO4 VA . -36.69 -15.08 39.58
O4 SO4 VA . -37.76 -13.06 38.90
N KAI WA . -19.14 -5.07 14.73
CD KAI WA . -20.58 -5.42 15.12
CD1 KAI WA . -23.52 -5.89 14.73
CD2 KAI WA . -23.70 -4.01 13.11
CA KAI WA . -19.18 -4.27 13.41
CB KAI WA . -20.61 -4.54 12.88
CB1 KAI WA . -20.71 -5.88 12.06
CG KAI WA . -21.43 -4.54 14.19
CG1 KAI WA . -20.18 -5.74 10.63
CG2 KAI WA . -22.91 -4.89 14.06
C KAI WA . -18.74 -2.80 13.72
O KAI WA . -18.91 -1.93 12.84
OD1 KAI WA . -20.29 -6.73 9.86
OD2 KAI WA . -19.67 -4.66 10.29
OXT KAI WA . -18.24 -2.53 14.84
C1 GOL XA . -32.72 3.53 27.37
O1 GOL XA . -33.20 2.24 27.62
C2 GOL XA . -32.37 3.59 25.86
O2 GOL XA . -33.44 3.20 25.06
C3 GOL XA . -31.95 5.05 25.60
O3 GOL XA . -30.98 5.38 26.55
#